data_7XA3
#
_entry.id   7XA3
#
_cell.length_a   1.00
_cell.length_b   1.00
_cell.length_c   1.00
_cell.angle_alpha   90.00
_cell.angle_beta   90.00
_cell.angle_gamma   90.00
#
_symmetry.space_group_name_H-M   'P 1'
#
loop_
_entity.id
_entity.type
_entity.pdbx_description
1 polymer 'Isoform B of C-C chemokine receptor type 2'
2 polymer 'C-C motif chemokine 2'
3 polymer 'Guanine nucleotide-binding protein G(i) subunit alpha-1'
4 polymer 'Guanine nucleotide-binding protein G(I)/G(S)/G(T) subunit beta-1'
5 polymer 'Guanine nucleotide-binding protein G(I)/G(S)/G(O) subunit gamma-2'
6 polymer scFv16
#
loop_
_entity_poly.entity_id
_entity_poly.type
_entity_poly.pdbx_seq_one_letter_code
_entity_poly.pdbx_strand_id
1 'polypeptide(L)'
;MLSTSRSRFIRNTNESGEEVTTFFDYDYGAPCHKFDVKQIGAQLLPPLYSLVFIFGFVGNMLVVLILINCKKLKCLTDIY
LLNLAISDLLFLITLPLWAHSAANEWVFGNAMCKLFTGLYHIGYFGGIFFIILLTIDRYLAIVHAVFALKARTVTFGVVT
SVITWLVAVFASVPGIIFTKCQKEDSVYVCGPYFPRGWNNFHTIMRNILGLVLPLLIMVICYSGILKTLLRCRNEKKRHR
AVRVIFTIMIVYFLFWTPYNIVILLNTFQEFFGLSNCESTSQLDQATQVTETLGMTHCCINPIIYAFVGEKFRRYLSVFF
RKHITKRFCKQCPVFYRETVDGVTSTNTPSTGEQEVSAGL
;
R
2 'polypeptide(L)' QPDAINAPVTCCYNFTNRKISVQRLASYRRITSSKCPKEAVIFKTIVAKEICADPKQKWVQDSMDHLDK L
3 'polypeptide(L)'
;MGCTLSAEDKAAVERSKMIDRNLREDGEKAAREVKLLLLGAGESGKSTIVKQMKIIHEAGYSEEECKQYKAVVYSNTIQS
IIAIIRAMGRLKIDFGDSARADDARQLFVLAGAAEEGFMTAELAGVIKRLWKDSGVQACFNRSREYQLNDSAAYYLNDLD
RIAQPNYIPTQQDVLRTRVKTTGIVETHFTFKDLHFKMFDVGAQRSERKKWIHCFEGVTAIIFCVALSDYDLVLAEDEEM
NRMHESMKLFDSICNNKWFTDTSIILFLNKKDLFEEKIKKSPLTICYPEYAGSNTYEEAAAYIQCQFEDLNKRKDTKEIY
THFTCSTDTKNVQFVFDAVTDVIIKNNLKDCGLF
;
A
4 'polypeptide(L)'
;SELDQLRQEAEQLKNQIRDARKACADATLSQITNNIDPVGRIQMRTRRTLRGHLAKIYAMHWGTDSRLLVSASQDGKLII
WDSYTTNKVHAIPLRSSWVMTCAYAPSGNYVACGGLDNICSIYNLKTREGNVRVSRELAGHTGYLSCCRFLDDNQIVTSS
GDTTCALWDIETGQQTTTFTGHTGDVMSLSLAPDTRLFVSGACDASAKLWDVREGMCRQTFTGHESDINAICFFPNGNAF
ATGSDDATCRLFDLRADQELMTYSHDNIICGITSVSFSKSGRLLLAGYDDFNCNVWDALKADRAGVLAGHDNRVSCLGVT
DDGMAVATGSWDSFLKIWNGSSGGGGSGGGGSSGVSGWRLFKKIS
;
B
5 'polypeptide(L)' MASNNTASIAQARKLVEQLKMEANIDRIKVSKAAADLMAYCEAHAKEDPLLTPVPASENPFREKKFFCAIL C
6 'polypeptide(L)'
;DVQLVESGGGLVQPGGSRKLSCSASGFAFSSFGMHWVRQAPEKGLEWVAYISSGSGTIYYADTVKGRFTISRDDPKNTLF
LQMTSLRSEDTAMYYCVRSIYYYGSSPFDFWGQGTTLTVSSGGGGSGGGGSGGGSSDIVMTQATSSVPVTPGESVSISCR
SSKSLLHSNGNTYLYWFLQRPGQSPQLLIYRMSNLASGVPDRFSGSGSGTAFTLTISRLEAEDVGVYYCMQHLEYPLTFG
AGTKLELKGSLEVLFQ
;
E
#
# COMPACT_ATOMS: atom_id res chain seq x y z
N GLY A 29 13.34 28.45 -68.13
CA GLY A 29 13.33 27.05 -67.74
C GLY A 29 13.88 26.83 -66.34
N ALA A 30 13.10 27.25 -65.35
CA ALA A 30 13.41 27.14 -63.93
C ALA A 30 13.08 25.84 -63.17
N PRO A 31 11.97 25.05 -63.49
CA PRO A 31 11.71 23.79 -62.75
C PRO A 31 12.83 22.78 -62.61
N CYS A 32 13.30 22.63 -61.37
CA CYS A 32 14.32 21.65 -61.01
C CYS A 32 13.75 20.51 -60.17
N HIS A 33 13.03 20.83 -59.09
CA HIS A 33 12.41 19.78 -58.29
C HIS A 33 11.19 19.26 -59.04
N LYS A 34 11.02 17.94 -59.04
CA LYS A 34 10.01 17.30 -59.89
C LYS A 34 9.30 16.19 -59.12
N PHE A 35 8.34 15.57 -59.81
CA PHE A 35 7.53 14.48 -59.29
C PHE A 35 8.25 13.15 -59.21
N ASP A 36 9.46 13.03 -59.79
CA ASP A 36 10.20 11.77 -59.73
C ASP A 36 10.58 11.41 -58.29
N VAL A 37 11.03 12.41 -57.53
CA VAL A 37 11.31 12.23 -56.11
C VAL A 37 10.01 11.92 -55.38
N LYS A 38 8.94 12.62 -55.77
CA LYS A 38 7.62 12.37 -55.19
C LYS A 38 7.13 10.98 -55.54
N GLN A 39 7.44 10.49 -56.75
CA GLN A 39 7.07 9.14 -57.15
C GLN A 39 7.75 8.10 -56.26
N ILE A 40 9.07 8.27 -56.05
CA ILE A 40 9.81 7.34 -55.20
C ILE A 40 9.32 7.41 -53.75
N GLY A 41 9.07 8.63 -53.26
CA GLY A 41 8.58 8.79 -51.90
C GLY A 41 7.20 8.19 -51.70
N ALA A 42 6.31 8.39 -52.67
CA ALA A 42 4.96 7.84 -52.60
C ALA A 42 4.99 6.32 -52.63
N GLN A 43 5.86 5.74 -53.47
CA GLN A 43 5.95 4.30 -53.56
C GLN A 43 6.51 3.67 -52.27
N LEU A 44 7.55 4.25 -51.68
CA LEU A 44 8.23 3.56 -50.59
C LEU A 44 7.89 4.05 -49.17
N LEU A 45 7.39 5.27 -48.99
CA LEU A 45 7.14 5.82 -47.66
C LEU A 45 5.99 5.19 -46.83
N PRO A 46 4.80 4.89 -47.37
CA PRO A 46 3.72 4.31 -46.52
C PRO A 46 4.03 2.93 -45.92
N PRO A 47 4.61 1.94 -46.64
CA PRO A 47 4.90 0.67 -45.95
C PRO A 47 5.92 0.82 -44.83
N LEU A 48 6.91 1.69 -45.04
CA LEU A 48 7.91 1.97 -44.01
C LEU A 48 7.25 2.59 -42.78
N TYR A 49 6.33 3.54 -42.99
CA TYR A 49 5.57 4.12 -41.88
C TYR A 49 4.72 3.07 -41.19
N SER A 50 4.11 2.17 -41.96
CA SER A 50 3.27 1.11 -41.40
C SER A 50 4.07 0.17 -40.51
N LEU A 51 5.29 -0.20 -40.95
CA LEU A 51 6.14 -1.07 -40.14
C LEU A 51 6.55 -0.39 -38.83
N VAL A 52 6.89 0.91 -38.91
CA VAL A 52 7.24 1.66 -37.71
C VAL A 52 6.05 1.74 -36.76
N PHE A 53 4.85 1.93 -37.32
CA PHE A 53 3.63 2.02 -36.52
C PHE A 53 3.32 0.71 -35.81
N ILE A 54 3.47 -0.42 -36.52
CA ILE A 54 3.16 -1.73 -35.95
C ILE A 54 4.09 -2.04 -34.77
N PHE A 55 5.41 -1.98 -35.01
CA PHE A 55 6.36 -2.33 -33.95
C PHE A 55 6.28 -1.36 -32.77
N GLY A 56 6.18 -0.06 -33.05
CA GLY A 56 6.07 0.93 -31.97
C GLY A 56 4.80 0.79 -31.16
N PHE A 57 3.66 0.56 -31.84
CA PHE A 57 2.38 0.43 -31.15
C PHE A 57 2.37 -0.79 -30.25
N VAL A 58 2.92 -1.92 -30.73
CA VAL A 58 2.95 -3.14 -29.91
C VAL A 58 3.82 -2.93 -28.67
N GLY A 59 5.02 -2.39 -28.86
CA GLY A 59 5.93 -2.22 -27.73
C GLY A 59 5.42 -1.21 -26.70
N ASN A 60 4.98 -0.04 -27.18
CA ASN A 60 4.49 1.01 -26.28
C ASN A 60 3.20 0.59 -25.57
N MET A 61 2.28 -0.08 -26.27
CA MET A 61 1.04 -0.53 -25.64
C MET A 61 1.35 -1.55 -24.54
N LEU A 62 2.30 -2.46 -24.80
CA LEU A 62 2.67 -3.45 -23.79
C LEU A 62 3.28 -2.78 -22.55
N VAL A 63 4.14 -1.77 -22.78
CA VAL A 63 4.77 -1.05 -21.67
C VAL A 63 3.72 -0.30 -20.85
N VAL A 64 2.75 0.34 -21.52
CA VAL A 64 1.70 1.07 -20.82
C VAL A 64 0.84 0.13 -19.98
N LEU A 65 0.48 -1.03 -20.53
CA LEU A 65 -0.34 -2.00 -19.78
C LEU A 65 0.40 -2.52 -18.55
N ILE A 66 1.70 -2.83 -18.69
CA ILE A 66 2.49 -3.32 -17.56
C ILE A 66 2.61 -2.24 -16.48
N LEU A 67 2.85 -0.99 -16.89
CA LEU A 67 2.96 0.11 -15.92
C LEU A 67 1.64 0.36 -15.18
N ILE A 68 0.51 0.29 -15.89
CA ILE A 68 -0.79 0.45 -15.25
C ILE A 68 -1.03 -0.67 -14.25
N ASN A 69 -0.69 -1.91 -14.61
CA ASN A 69 -0.83 -3.03 -13.68
C ASN A 69 0.11 -2.88 -12.48
N CYS A 70 1.33 -2.41 -12.72
CA CYS A 70 2.32 -2.25 -11.65
C CYS A 70 2.03 -1.00 -10.81
N LYS A 71 2.74 -0.92 -9.68
CA LYS A 71 2.65 0.20 -8.75
C LYS A 71 3.54 1.33 -9.28
N LYS A 72 2.97 2.10 -10.22
CA LYS A 72 3.68 3.22 -10.83
C LYS A 72 4.01 4.32 -9.82
N LEU A 73 3.12 4.53 -8.83
CA LEU A 73 3.30 5.60 -7.86
C LEU A 73 4.56 5.42 -7.00
N LYS A 74 4.91 4.16 -6.67
CA LYS A 74 6.02 3.89 -5.78
C LYS A 74 7.37 4.37 -6.33
N CYS A 75 7.59 4.23 -7.63
CA CYS A 75 8.87 4.58 -8.24
C CYS A 75 8.73 5.78 -9.16
N LEU A 76 9.65 6.74 -9.00
CA LEU A 76 9.69 7.93 -9.85
C LEU A 76 10.03 7.57 -11.29
N THR A 77 10.93 6.58 -11.46
CA THR A 77 11.34 6.10 -12.78
C THR A 77 10.16 5.54 -13.55
N ASP A 78 9.26 4.83 -12.86
CA ASP A 78 8.05 4.30 -13.50
C ASP A 78 7.16 5.43 -14.01
N ILE A 79 7.03 6.52 -13.24
CA ILE A 79 6.22 7.67 -13.64
C ILE A 79 6.78 8.31 -14.90
N TYR A 80 8.11 8.49 -14.95
CA TYR A 80 8.69 9.12 -16.15
C TYR A 80 8.66 8.18 -17.34
N LEU A 81 8.83 6.88 -17.10
CA LEU A 81 8.74 5.90 -18.19
C LEU A 81 7.33 5.84 -18.76
N LEU A 82 6.32 5.94 -17.89
CA LEU A 82 4.93 5.99 -18.34
C LEU A 82 4.66 7.24 -19.17
N ASN A 83 5.16 8.39 -18.71
CA ASN A 83 5.00 9.62 -19.48
C ASN A 83 5.70 9.56 -20.83
N LEU A 84 6.88 8.90 -20.87
CA LEU A 84 7.60 8.71 -22.12
C LEU A 84 6.82 7.81 -23.07
N ALA A 85 6.24 6.73 -22.54
CA ALA A 85 5.42 5.84 -23.34
C ALA A 85 4.17 6.53 -23.89
N ILE A 86 3.54 7.38 -23.06
CA ILE A 86 2.37 8.14 -23.51
C ILE A 86 2.75 9.13 -24.62
N SER A 87 3.91 9.78 -24.47
CA SER A 87 4.41 10.67 -25.52
C SER A 87 4.70 9.90 -26.81
N ASP A 88 5.25 8.69 -26.67
CA ASP A 88 5.51 7.85 -27.83
C ASP A 88 4.22 7.42 -28.51
N LEU A 89 3.21 7.05 -27.73
CA LEU A 89 1.91 6.66 -28.31
C LEU A 89 1.25 7.82 -29.04
N LEU A 90 1.29 9.02 -28.45
CA LEU A 90 0.73 10.20 -29.10
C LEU A 90 1.45 10.51 -30.40
N PHE A 91 2.77 10.31 -30.42
CA PHE A 91 3.53 10.44 -31.65
C PHE A 91 3.11 9.41 -32.70
N LEU A 92 2.98 8.15 -32.28
CA LEU A 92 2.73 7.02 -33.18
C LEU A 92 1.31 6.92 -33.72
N ILE A 93 0.31 7.50 -33.04
CA ILE A 93 -1.10 7.33 -33.43
C ILE A 93 -1.35 7.83 -34.85
N THR A 94 -0.70 8.92 -35.24
CA THR A 94 -0.99 9.52 -36.53
C THR A 94 -0.26 8.87 -37.71
N LEU A 95 0.51 7.80 -37.48
CA LEU A 95 1.29 7.22 -38.57
C LEU A 95 0.47 6.59 -39.71
N PRO A 96 -0.63 5.84 -39.49
CA PRO A 96 -1.46 5.46 -40.65
C PRO A 96 -2.02 6.65 -41.40
N LEU A 97 -2.38 7.71 -40.67
CA LEU A 97 -2.91 8.93 -41.27
C LEU A 97 -1.89 9.59 -42.20
N TRP A 98 -0.65 9.76 -41.72
CA TRP A 98 0.39 10.31 -42.59
C TRP A 98 0.77 9.34 -43.70
N ALA A 99 0.66 8.03 -43.45
CA ALA A 99 0.90 7.03 -44.49
C ALA A 99 -0.10 7.17 -45.62
N HIS A 100 -1.37 7.44 -45.30
CA HIS A 100 -2.36 7.76 -46.32
C HIS A 100 -2.06 9.11 -46.97
N SER A 101 -1.59 10.08 -46.17
CA SER A 101 -1.24 11.39 -46.68
C SER A 101 -0.04 11.38 -47.62
N ALA A 102 0.76 10.31 -47.57
CA ALA A 102 1.91 10.16 -48.47
C ALA A 102 1.46 10.06 -49.92
N ALA A 103 0.27 9.52 -50.16
CA ALA A 103 -0.29 9.35 -51.50
C ALA A 103 -0.66 10.66 -52.19
N ASN A 104 -0.58 11.80 -51.47
CA ASN A 104 -0.85 13.20 -51.86
C ASN A 104 -2.34 13.51 -51.89
N GLU A 105 -3.18 12.64 -51.33
CA GLU A 105 -4.61 12.90 -51.18
C GLU A 105 -4.86 13.19 -49.72
N TRP A 106 -5.41 14.36 -49.43
CA TRP A 106 -5.60 14.81 -48.05
C TRP A 106 -7.08 15.03 -47.74
N VAL A 107 -7.52 14.45 -46.61
CA VAL A 107 -8.88 14.63 -46.10
C VAL A 107 -9.19 16.11 -45.87
N PHE A 108 -10.42 16.50 -46.18
CA PHE A 108 -10.79 17.92 -46.19
C PHE A 108 -11.10 18.45 -44.77
N GLY A 109 -10.07 18.41 -43.93
CA GLY A 109 -10.18 18.99 -42.61
C GLY A 109 -9.04 19.93 -42.24
N ASN A 110 -9.34 21.21 -42.08
CA ASN A 110 -8.33 22.17 -41.65
C ASN A 110 -8.01 21.98 -40.18
N ALA A 111 -9.05 21.83 -39.35
CA ALA A 111 -8.86 21.55 -37.92
C ALA A 111 -8.23 20.19 -37.72
N MET A 112 -8.54 19.24 -38.61
CA MET A 112 -7.93 17.93 -38.58
C MET A 112 -6.42 18.04 -38.79
N CYS A 113 -6.02 18.89 -39.73
CA CYS A 113 -4.61 19.17 -40.00
C CYS A 113 -3.93 19.80 -38.78
N LYS A 114 -4.60 20.78 -38.17
CA LYS A 114 -4.04 21.45 -36.99
C LYS A 114 -4.08 20.58 -35.74
N LEU A 115 -4.83 19.50 -35.74
CA LEU A 115 -4.83 18.56 -34.63
C LEU A 115 -3.76 17.48 -34.81
N PHE A 116 -3.61 16.97 -36.04
CA PHE A 116 -2.59 15.95 -36.30
C PHE A 116 -1.18 16.53 -36.16
N THR A 117 -0.99 17.76 -36.63
CA THR A 117 0.30 18.44 -36.46
C THR A 117 0.63 18.65 -34.98
N GLY A 118 -0.37 19.07 -34.21
CA GLY A 118 -0.18 19.26 -32.78
C GLY A 118 0.15 17.96 -32.06
N LEU A 119 -0.52 16.87 -32.41
CA LEU A 119 -0.21 15.57 -31.81
C LEU A 119 1.20 15.12 -32.14
N TYR A 120 1.63 15.35 -33.39
CA TYR A 120 2.98 14.98 -33.82
C TYR A 120 4.05 15.74 -33.05
N HIS A 121 3.90 17.06 -32.95
CA HIS A 121 4.90 17.86 -32.24
C HIS A 121 4.89 17.62 -30.73
N ILE A 122 3.69 17.46 -30.14
CA ILE A 122 3.61 17.19 -28.70
C ILE A 122 4.25 15.84 -28.37
N GLY A 123 4.04 14.83 -29.21
CA GLY A 123 4.70 13.55 -28.99
C GLY A 123 6.21 13.64 -29.12
N TYR A 124 6.69 14.40 -30.11
CA TYR A 124 8.13 14.57 -30.33
C TYR A 124 8.82 15.26 -29.15
N PHE A 125 8.30 16.41 -28.74
CA PHE A 125 8.91 17.14 -27.62
C PHE A 125 8.71 16.41 -26.29
N GLY A 126 7.58 15.70 -26.12
CA GLY A 126 7.40 14.89 -24.93
C GLY A 126 8.44 13.80 -24.83
N GLY A 127 8.77 13.15 -25.96
CA GLY A 127 9.81 12.14 -25.96
C GLY A 127 11.16 12.69 -25.57
N ILE A 128 11.54 13.83 -26.15
CA ILE A 128 12.85 14.41 -25.86
C ILE A 128 12.95 14.88 -24.41
N PHE A 129 11.94 15.62 -23.92
CA PHE A 129 11.99 16.14 -22.56
C PHE A 129 11.92 15.04 -21.51
N PHE A 130 11.09 14.01 -21.71
CA PHE A 130 11.06 12.95 -20.71
C PHE A 130 12.31 12.06 -20.76
N ILE A 131 12.98 11.92 -21.91
CA ILE A 131 14.29 11.26 -21.91
C ILE A 131 15.30 12.06 -21.09
N ILE A 132 15.27 13.40 -21.20
CA ILE A 132 16.14 14.26 -20.39
C ILE A 132 15.81 14.11 -18.90
N LEU A 133 14.52 14.01 -18.56
CA LEU A 133 14.11 13.83 -17.17
C LEU A 133 14.54 12.49 -16.60
N LEU A 134 14.44 11.41 -17.40
CA LEU A 134 14.95 10.11 -16.99
C LEU A 134 16.45 10.14 -16.72
N THR A 135 17.20 10.84 -17.58
CA THR A 135 18.65 10.95 -17.39
C THR A 135 18.98 11.70 -16.10
N ILE A 136 18.30 12.82 -15.86
CA ILE A 136 18.53 13.61 -14.64
C ILE A 136 18.13 12.82 -13.40
N ASP A 137 17.05 12.03 -13.50
CA ASP A 137 16.61 11.19 -12.38
C ASP A 137 17.64 10.11 -12.06
N ARG A 138 18.19 9.47 -13.08
CA ARG A 138 19.24 8.45 -12.86
C ARG A 138 20.48 9.07 -12.24
N TYR A 139 20.87 10.27 -12.69
CA TYR A 139 22.00 10.99 -12.10
C TYR A 139 21.75 11.31 -10.63
N LEU A 140 20.55 11.80 -10.33
CA LEU A 140 20.20 12.18 -8.95
C LEU A 140 20.18 10.97 -8.04
N ALA A 141 19.65 9.85 -8.53
CA ALA A 141 19.59 8.64 -7.70
C ALA A 141 20.98 8.05 -7.45
N ILE A 142 21.79 7.93 -8.50
CA ILE A 142 23.08 7.24 -8.36
C ILE A 142 24.10 8.12 -7.64
N VAL A 143 24.29 9.35 -8.10
CA VAL A 143 25.39 10.18 -7.59
C VAL A 143 25.09 10.68 -6.17
N HIS A 144 23.84 11.05 -5.89
CA HIS A 144 23.49 11.59 -4.58
C HIS A 144 22.34 10.75 -4.03
N ALA A 145 22.67 9.56 -3.50
CA ALA A 145 21.66 8.63 -3.02
C ALA A 145 20.95 9.13 -1.77
N VAL A 146 21.73 9.62 -0.80
CA VAL A 146 21.19 10.10 0.47
C VAL A 146 20.26 11.28 0.24
N PHE A 147 20.70 12.24 -0.59
CA PHE A 147 19.85 13.36 -0.94
C PHE A 147 18.63 12.91 -1.75
N ALA A 148 18.79 11.88 -2.59
CA ALA A 148 17.67 11.38 -3.39
C ALA A 148 16.58 10.77 -2.52
N LEU A 149 16.95 10.16 -1.39
CA LEU A 149 15.96 9.57 -0.49
C LEU A 149 14.99 10.63 0.05
N LYS A 150 15.53 11.73 0.59
CA LYS A 150 14.68 12.82 1.07
C LYS A 150 14.01 13.58 -0.08
N ALA A 151 14.74 13.80 -1.18
CA ALA A 151 14.28 14.67 -2.25
C ALA A 151 13.19 14.04 -3.12
N ARG A 152 13.33 12.77 -3.49
CA ARG A 152 12.41 12.16 -4.45
C ARG A 152 11.08 11.86 -3.75
N THR A 153 10.01 12.46 -4.28
CA THR A 153 8.67 12.30 -3.74
C THR A 153 7.72 12.15 -4.93
N VAL A 154 6.59 11.48 -4.70
CA VAL A 154 5.59 11.29 -5.74
C VAL A 154 4.99 12.63 -6.17
N THR A 155 4.79 13.53 -5.19
CA THR A 155 4.23 14.85 -5.48
C THR A 155 5.17 15.66 -6.38
N PHE A 156 6.48 15.57 -6.11
CA PHE A 156 7.47 16.24 -6.95
C PHE A 156 7.45 15.70 -8.37
N GLY A 157 7.28 14.38 -8.51
CA GLY A 157 7.19 13.78 -9.83
C GLY A 157 5.96 14.20 -10.61
N VAL A 158 4.81 14.25 -9.94
CA VAL A 158 3.57 14.67 -10.60
C VAL A 158 3.66 16.14 -11.03
N VAL A 159 4.22 17.00 -10.16
CA VAL A 159 4.38 18.41 -10.49
C VAL A 159 5.34 18.58 -11.67
N THR A 160 6.46 17.85 -11.66
CA THR A 160 7.44 17.95 -12.75
C THR A 160 6.86 17.42 -14.06
N SER A 161 6.04 16.38 -13.99
CA SER A 161 5.41 15.83 -15.19
C SER A 161 4.40 16.79 -15.80
N VAL A 162 3.56 17.42 -14.95
CA VAL A 162 2.59 18.39 -15.45
C VAL A 162 3.28 19.61 -16.06
N ILE A 163 4.32 20.13 -15.39
CA ILE A 163 5.08 21.26 -15.94
C ILE A 163 5.78 20.87 -17.24
N THR A 164 6.26 19.62 -17.34
CA THR A 164 6.93 19.16 -18.55
C THR A 164 5.95 19.07 -19.73
N TRP A 165 4.76 18.53 -19.50
CA TRP A 165 3.74 18.51 -20.56
C TRP A 165 3.34 19.90 -20.97
N LEU A 166 3.24 20.85 -20.02
CA LEU A 166 2.94 22.23 -20.36
C LEU A 166 4.03 22.85 -21.22
N VAL A 167 5.30 22.58 -20.90
CA VAL A 167 6.41 23.08 -21.69
C VAL A 167 6.40 22.49 -23.10
N ALA A 168 6.06 21.19 -23.19
CA ALA A 168 5.98 20.53 -24.50
C ALA A 168 4.87 21.12 -25.36
N VAL A 169 3.69 21.35 -24.77
CA VAL A 169 2.57 21.96 -25.51
C VAL A 169 2.91 23.37 -25.94
N PHE A 170 3.49 24.17 -25.04
CA PHE A 170 3.87 25.55 -25.37
C PHE A 170 4.94 25.59 -26.46
N ALA A 171 5.88 24.64 -26.45
CA ALA A 171 6.85 24.54 -27.54
C ALA A 171 6.18 24.16 -28.85
N SER A 172 5.15 23.30 -28.78
CA SER A 172 4.46 22.88 -30.00
C SER A 172 3.50 23.94 -30.55
N VAL A 173 3.16 24.96 -29.76
CA VAL A 173 2.19 25.99 -30.21
C VAL A 173 2.61 26.75 -31.48
N PRO A 174 3.87 27.26 -31.63
CA PRO A 174 4.21 27.97 -32.89
C PRO A 174 4.10 27.13 -34.15
N GLY A 175 4.36 25.83 -34.08
CA GLY A 175 4.09 24.96 -35.21
C GLY A 175 2.61 24.89 -35.55
N ILE A 176 1.76 24.84 -34.52
CA ILE A 176 0.32 24.71 -34.73
C ILE A 176 -0.28 25.99 -35.32
N ILE A 177 0.19 27.16 -34.88
CA ILE A 177 -0.38 28.44 -35.29
C ILE A 177 -0.24 28.66 -36.79
N PHE A 178 0.93 28.37 -37.35
CA PHE A 178 1.14 28.58 -38.77
C PHE A 178 0.76 27.38 -39.62
N THR A 179 0.40 26.25 -39.01
CA THR A 179 0.00 25.05 -39.75
C THR A 179 -1.30 25.31 -40.50
N LYS A 180 -1.32 24.96 -41.80
CA LYS A 180 -2.47 25.28 -42.64
C LYS A 180 -2.69 24.16 -43.64
N CYS A 181 -3.90 24.15 -44.19
CA CYS A 181 -4.29 23.25 -45.27
C CYS A 181 -4.52 24.09 -46.52
N GLN A 182 -3.74 23.83 -47.57
CA GLN A 182 -3.90 24.62 -48.79
C GLN A 182 -3.82 23.69 -49.99
N LYS A 183 -4.43 24.12 -51.10
CA LYS A 183 -4.42 23.37 -52.34
C LYS A 183 -3.54 24.10 -53.34
N GLU A 184 -2.53 23.40 -53.85
CA GLU A 184 -1.62 23.92 -54.85
C GLU A 184 -1.63 22.94 -56.02
N ASP A 185 -1.82 23.48 -57.23
CA ASP A 185 -1.87 22.72 -58.49
C ASP A 185 -2.87 21.57 -58.42
N SER A 186 -4.04 21.88 -57.85
CA SER A 186 -5.16 20.94 -57.65
C SER A 186 -4.74 19.73 -56.80
N VAL A 187 -3.87 19.96 -55.81
CA VAL A 187 -3.47 18.92 -54.86
C VAL A 187 -3.51 19.54 -53.46
N TYR A 188 -4.17 18.87 -52.53
CA TYR A 188 -4.31 19.35 -51.16
C TYR A 188 -3.12 18.90 -50.32
N VAL A 189 -2.55 19.82 -49.55
CA VAL A 189 -1.41 19.54 -48.68
C VAL A 189 -1.64 20.22 -47.33
N CYS A 190 -1.36 19.47 -46.27
CA CYS A 190 -1.33 19.96 -44.89
C CYS A 190 0.11 20.36 -44.59
N GLY A 191 0.40 21.65 -44.64
CA GLY A 191 1.76 22.11 -44.53
C GLY A 191 1.95 23.37 -43.69
N PRO A 192 3.19 23.62 -43.28
CA PRO A 192 3.50 24.85 -42.56
C PRO A 192 3.77 26.01 -43.49
N TYR A 193 3.47 27.22 -43.00
CA TYR A 193 3.63 28.46 -43.76
C TYR A 193 4.30 29.52 -42.90
N PHE A 194 5.44 29.15 -42.32
CA PHE A 194 6.26 30.06 -41.52
C PHE A 194 6.69 31.29 -42.32
N PRO A 195 6.80 32.44 -41.67
CA PRO A 195 7.48 33.59 -42.27
C PRO A 195 8.98 33.34 -42.42
N ARG A 196 9.64 34.31 -43.06
CA ARG A 196 11.07 34.24 -43.34
C ARG A 196 11.89 34.08 -42.06
N GLY A 197 11.67 34.94 -41.07
CA GLY A 197 12.44 34.87 -39.84
C GLY A 197 12.10 33.65 -39.00
N TRP A 198 10.81 33.32 -38.89
CA TRP A 198 10.37 32.22 -38.07
C TRP A 198 10.87 30.87 -38.58
N ASN A 199 10.94 30.71 -39.91
CA ASN A 199 11.45 29.47 -40.50
C ASN A 199 12.93 29.26 -40.16
N ASN A 200 13.73 30.32 -40.23
CA ASN A 200 15.14 30.23 -39.84
C ASN A 200 15.29 29.98 -38.34
N PHE A 201 14.45 30.63 -37.53
CA PHE A 201 14.52 30.45 -36.08
C PHE A 201 14.11 29.04 -35.66
N HIS A 202 13.10 28.46 -36.32
CA HIS A 202 12.55 27.17 -35.92
C HIS A 202 13.56 26.04 -36.07
N THR A 203 14.37 26.07 -37.13
CA THR A 203 15.41 25.06 -37.32
C THR A 203 16.47 25.14 -36.22
N ILE A 204 16.89 26.35 -35.85
CA ILE A 204 17.88 26.53 -34.79
C ILE A 204 17.31 26.07 -33.45
N MET A 205 16.05 26.41 -33.18
CA MET A 205 15.42 26.00 -31.93
C MET A 205 15.23 24.48 -31.88
N ARG A 206 14.86 23.87 -33.00
CA ARG A 206 14.76 22.42 -33.11
C ARG A 206 16.10 21.75 -32.84
N ASN A 207 17.18 22.30 -33.40
CA ASN A 207 18.51 21.74 -33.19
C ASN A 207 18.94 21.86 -31.74
N ILE A 208 18.73 23.03 -31.12
CA ILE A 208 19.14 23.23 -29.73
C ILE A 208 18.34 22.35 -28.78
N LEU A 209 17.02 22.26 -28.97
CA LEU A 209 16.20 21.43 -28.10
C LEU A 209 16.44 19.94 -28.30
N GLY A 210 16.65 19.49 -29.53
CA GLY A 210 16.77 18.07 -29.76
C GLY A 210 18.15 17.45 -29.88
N LEU A 211 19.21 18.25 -30.04
CA LEU A 211 20.53 17.68 -30.25
C LEU A 211 21.53 18.16 -29.21
N VAL A 212 21.68 19.49 -29.11
CA VAL A 212 22.71 20.07 -28.23
C VAL A 212 22.38 19.83 -26.77
N LEU A 213 21.15 20.16 -26.36
CA LEU A 213 20.78 20.01 -24.94
C LEU A 213 20.70 18.57 -24.45
N PRO A 214 20.03 17.61 -25.14
CA PRO A 214 19.99 16.25 -24.58
C PRO A 214 21.34 15.56 -24.53
N LEU A 215 22.18 15.74 -25.57
CA LEU A 215 23.52 15.15 -25.55
C LEU A 215 24.38 15.75 -24.44
N LEU A 216 24.24 17.06 -24.20
CA LEU A 216 24.99 17.70 -23.10
C LEU A 216 24.57 17.15 -21.75
N ILE A 217 23.25 17.01 -21.53
CA ILE A 217 22.74 16.43 -20.29
C ILE A 217 23.21 14.99 -20.13
N MET A 218 23.20 14.21 -21.23
CA MET A 218 23.63 12.82 -21.17
C MET A 218 25.11 12.68 -20.85
N VAL A 219 25.97 13.50 -21.48
CA VAL A 219 27.40 13.40 -21.21
C VAL A 219 27.72 13.83 -19.78
N ILE A 220 27.13 14.94 -19.32
CA ILE A 220 27.40 15.44 -17.96
C ILE A 220 26.90 14.46 -16.90
N CYS A 221 25.69 13.91 -17.08
CA CYS A 221 25.16 12.97 -16.10
C CYS A 221 25.88 11.63 -16.14
N TYR A 222 26.08 11.08 -17.34
CA TYR A 222 26.68 9.75 -17.47
C TYR A 222 28.14 9.72 -17.07
N SER A 223 28.88 10.84 -17.19
CA SER A 223 30.27 10.85 -16.70
C SER A 223 30.32 10.62 -15.19
N GLY A 224 29.45 11.31 -14.45
CA GLY A 224 29.35 11.08 -13.01
C GLY A 224 28.83 9.70 -12.67
N ILE A 225 27.88 9.19 -13.46
CA ILE A 225 27.32 7.86 -13.23
C ILE A 225 28.38 6.79 -13.41
N LEU A 226 29.17 6.88 -14.48
CA LEU A 226 30.27 5.94 -14.70
C LEU A 226 31.34 6.05 -13.61
N LYS A 227 31.64 7.27 -13.17
CA LYS A 227 32.60 7.48 -12.10
C LYS A 227 32.14 6.83 -10.79
N THR A 228 30.84 6.93 -10.49
CA THR A 228 30.30 6.25 -9.32
C THR A 228 30.28 4.74 -9.50
N LEU A 229 29.96 4.26 -10.72
CA LEU A 229 29.95 2.83 -11.01
C LEU A 229 31.32 2.19 -10.91
N LEU A 230 32.38 2.98 -11.08
CA LEU A 230 33.73 2.46 -10.93
C LEU A 230 33.99 1.92 -9.52
N ARG A 231 33.38 2.55 -8.51
CA ARG A 231 33.55 2.12 -7.13
C ARG A 231 32.94 0.74 -6.87
N CYS A 232 31.89 0.37 -7.62
CA CYS A 232 31.22 -0.92 -7.44
C CYS A 232 32.16 -2.10 -7.67
N ARG A 233 32.12 -3.07 -6.76
CA ARG A 233 33.09 -4.17 -6.78
C ARG A 233 32.82 -5.19 -7.89
N ASN A 234 31.55 -5.54 -8.11
CA ASN A 234 31.20 -6.64 -9.01
C ASN A 234 31.55 -6.31 -10.46
N GLU A 235 32.35 -7.18 -11.07
CA GLU A 235 32.90 -6.91 -12.40
C GLU A 235 31.85 -7.02 -13.51
N LYS A 236 31.07 -8.10 -13.50
CA LYS A 236 30.15 -8.41 -14.60
C LYS A 236 29.03 -7.39 -14.71
N LYS A 237 28.42 -7.04 -13.57
CA LYS A 237 27.35 -6.07 -13.55
C LYS A 237 27.85 -4.68 -13.95
N ARG A 238 29.08 -4.34 -13.52
CA ARG A 238 29.68 -3.06 -13.88
C ARG A 238 29.89 -2.95 -15.38
N HIS A 239 30.44 -4.02 -16.00
CA HIS A 239 30.67 -3.98 -17.44
C HIS A 239 29.38 -3.95 -18.22
N ARG A 240 28.35 -4.66 -17.76
CA ARG A 240 27.05 -4.61 -18.42
C ARG A 240 26.45 -3.20 -18.35
N ALA A 241 26.58 -2.53 -17.19
CA ALA A 241 26.09 -1.17 -17.03
C ALA A 241 26.83 -0.19 -17.94
N VAL A 242 28.16 -0.35 -18.04
CA VAL A 242 28.97 0.52 -18.91
C VAL A 242 28.56 0.35 -20.38
N ARG A 243 28.34 -0.91 -20.79
CA ARG A 243 27.90 -1.18 -22.16
C ARG A 243 26.52 -0.59 -22.44
N VAL A 244 25.61 -0.66 -21.47
CA VAL A 244 24.26 -0.09 -21.66
C VAL A 244 24.33 1.44 -21.79
N ILE A 245 25.13 2.10 -20.95
CA ILE A 245 25.23 3.57 -20.98
C ILE A 245 25.82 4.04 -22.30
N PHE A 246 26.91 3.39 -22.74
CA PHE A 246 27.50 3.74 -24.04
C PHE A 246 26.55 3.41 -25.19
N THR A 247 25.77 2.34 -25.05
CA THR A 247 24.79 1.98 -26.07
C THR A 247 23.72 3.06 -26.21
N ILE A 248 23.24 3.59 -25.07
CA ILE A 248 22.22 4.64 -25.08
C ILE A 248 22.75 5.89 -25.77
N MET A 249 23.98 6.30 -25.43
CA MET A 249 24.54 7.52 -26.03
C MET A 249 24.79 7.35 -27.53
N ILE A 250 25.38 6.23 -27.94
CA ILE A 250 25.67 6.00 -29.36
C ILE A 250 24.38 5.85 -30.17
N VAL A 251 23.35 5.19 -29.62
CA VAL A 251 22.07 5.06 -30.31
C VAL A 251 21.41 6.42 -30.51
N TYR A 252 21.40 7.25 -29.47
CA TYR A 252 20.81 8.59 -29.60
C TYR A 252 21.54 9.43 -30.63
N PHE A 253 22.89 9.37 -30.63
CA PHE A 253 23.67 10.15 -31.60
C PHE A 253 23.43 9.67 -33.03
N LEU A 254 23.53 8.36 -33.26
CA LEU A 254 23.40 7.79 -34.61
C LEU A 254 22.02 8.00 -35.18
N PHE A 255 20.98 7.98 -34.35
CA PHE A 255 19.65 8.16 -34.91
C PHE A 255 19.33 9.64 -35.11
N TRP A 256 19.54 10.48 -34.09
CA TRP A 256 19.06 11.85 -34.22
C TRP A 256 19.99 12.79 -35.00
N THR A 257 21.31 12.64 -34.85
CA THR A 257 22.24 13.62 -35.41
C THR A 257 22.21 13.80 -36.94
N PRO A 258 22.13 12.75 -37.80
CA PRO A 258 22.04 13.02 -39.25
C PRO A 258 20.82 13.81 -39.65
N TYR A 259 19.68 13.55 -39.00
CA TYR A 259 18.45 14.27 -39.29
C TYR A 259 18.58 15.77 -39.01
N ASN A 260 19.18 16.11 -37.87
CA ASN A 260 19.37 17.52 -37.52
C ASN A 260 20.37 18.19 -38.45
N ILE A 261 21.44 17.49 -38.84
CA ILE A 261 22.42 18.05 -39.77
C ILE A 261 21.80 18.33 -41.13
N VAL A 262 21.00 17.38 -41.65
CA VAL A 262 20.34 17.56 -42.94
C VAL A 262 19.31 18.69 -42.87
N ILE A 263 18.57 18.80 -41.76
CA ILE A 263 17.61 19.90 -41.59
C ILE A 263 18.32 21.25 -41.61
N LEU A 264 19.44 21.37 -40.88
CA LEU A 264 20.19 22.62 -40.85
C LEU A 264 20.73 22.99 -42.22
N LEU A 265 21.27 21.99 -42.94
CA LEU A 265 21.80 22.21 -44.28
C LEU A 265 20.70 22.63 -45.26
N ASN A 266 19.56 21.94 -45.24
CA ASN A 266 18.46 22.26 -46.13
C ASN A 266 17.85 23.61 -45.83
N THR A 267 17.72 23.96 -44.54
CA THR A 267 17.14 25.24 -44.15
C THR A 267 18.04 26.41 -44.56
N PHE A 268 19.35 26.30 -44.28
CA PHE A 268 20.25 27.38 -44.68
C PHE A 268 20.40 27.46 -46.19
N GLN A 269 20.94 26.40 -46.81
CA GLN A 269 20.92 26.10 -48.24
C GLN A 269 21.75 27.08 -49.07
N GLU A 270 22.30 28.13 -48.49
CA GLU A 270 23.12 29.09 -49.23
C GLU A 270 24.50 29.26 -48.64
N PHE A 271 24.62 29.46 -47.33
CA PHE A 271 25.92 29.70 -46.71
C PHE A 271 26.79 28.45 -46.70
N PHE A 272 26.21 27.30 -46.37
CA PHE A 272 27.00 26.08 -46.23
C PHE A 272 27.29 25.43 -47.58
N GLY A 273 26.25 25.22 -48.38
CA GLY A 273 26.40 24.57 -49.67
C GLY A 273 25.38 25.07 -50.67
N LEU A 274 25.89 25.59 -51.81
CA LEU A 274 25.12 26.13 -52.93
C LEU A 274 23.88 25.32 -53.28
N SER A 275 22.81 26.04 -53.68
CA SER A 275 21.54 25.42 -54.03
C SER A 275 21.63 24.85 -55.44
N ASN A 276 22.33 23.72 -55.54
CA ASN A 276 22.49 23.02 -56.80
C ASN A 276 21.26 22.14 -57.06
N CYS A 277 20.77 22.20 -58.31
CA CYS A 277 19.61 21.42 -58.74
C CYS A 277 19.77 19.92 -58.47
N GLU A 278 20.96 19.38 -58.72
CA GLU A 278 21.21 17.97 -58.45
C GLU A 278 21.29 17.67 -56.96
N SER A 279 21.95 18.56 -56.20
CA SER A 279 22.22 18.30 -54.79
C SER A 279 20.96 18.35 -53.93
N THR A 280 20.02 19.25 -54.27
CA THR A 280 18.84 19.47 -53.42
C THR A 280 17.90 18.26 -53.45
N SER A 281 17.81 17.58 -54.59
CA SER A 281 17.04 16.34 -54.68
C SER A 281 17.61 15.26 -53.76
N GLN A 282 18.94 15.13 -53.73
CA GLN A 282 19.60 14.21 -52.82
C GLN A 282 19.38 14.61 -51.37
N LEU A 283 19.35 15.92 -51.09
CA LEU A 283 19.04 16.40 -49.75
C LEU A 283 17.61 16.06 -49.35
N ASP A 284 16.68 16.09 -50.31
CA ASP A 284 15.29 15.74 -50.01
C ASP A 284 15.14 14.25 -49.71
N GLN A 285 15.81 13.40 -50.50
CA GLN A 285 15.78 11.96 -50.22
C GLN A 285 16.47 11.64 -48.89
N ALA A 286 17.59 12.31 -48.60
CA ALA A 286 18.24 12.16 -47.31
C ALA A 286 17.34 12.62 -46.17
N THR A 287 16.56 13.67 -46.40
CA THR A 287 15.60 14.15 -45.40
C THR A 287 14.54 13.09 -45.12
N GLN A 288 14.07 12.42 -46.18
CA GLN A 288 13.10 11.34 -46.02
C GLN A 288 13.66 10.17 -45.20
N VAL A 289 14.89 9.73 -45.56
CA VAL A 289 15.50 8.59 -44.88
C VAL A 289 15.82 8.92 -43.42
N THR A 290 16.36 10.12 -43.16
CA THR A 290 16.67 10.52 -41.80
C THR A 290 15.41 10.78 -40.97
N GLU A 291 14.33 11.25 -41.61
CA GLU A 291 13.03 11.33 -40.95
C GLU A 291 12.57 9.95 -40.47
N THR A 292 12.69 8.95 -41.34
CA THR A 292 12.39 7.57 -40.97
C THR A 292 13.26 7.08 -39.82
N LEU A 293 14.55 7.47 -39.83
CA LEU A 293 15.49 7.04 -38.80
C LEU A 293 15.14 7.65 -37.44
N GLY A 294 14.83 8.94 -37.42
CA GLY A 294 14.44 9.60 -36.18
C GLY A 294 13.12 9.09 -35.63
N MET A 295 12.18 8.77 -36.52
CA MET A 295 10.94 8.13 -36.09
C MET A 295 11.17 6.72 -35.56
N THR A 296 12.14 6.00 -36.14
CA THR A 296 12.48 4.65 -35.68
C THR A 296 13.06 4.68 -34.27
N HIS A 297 13.76 5.75 -33.91
CA HIS A 297 14.32 5.87 -32.56
C HIS A 297 13.22 5.87 -31.49
N CYS A 298 12.07 6.48 -31.79
CA CYS A 298 10.90 6.42 -30.91
C CYS A 298 10.43 4.99 -30.69
N CYS A 299 10.46 4.18 -31.75
CA CYS A 299 10.11 2.76 -31.63
C CYS A 299 11.12 1.98 -30.80
N ILE A 300 12.40 2.34 -30.91
CA ILE A 300 13.43 1.57 -30.19
C ILE A 300 13.60 2.02 -28.74
N ASN A 301 13.03 3.17 -28.36
CA ASN A 301 13.10 3.62 -26.96
C ASN A 301 12.49 2.71 -25.89
N PRO A 302 11.30 2.08 -26.06
CA PRO A 302 10.80 1.19 -24.99
C PRO A 302 11.70 0.01 -24.70
N ILE A 303 12.34 -0.57 -25.72
CA ILE A 303 13.26 -1.68 -25.50
C ILE A 303 14.43 -1.24 -24.64
N ILE A 304 15.06 -0.12 -25.04
CA ILE A 304 16.28 0.40 -24.42
C ILE A 304 16.03 0.78 -22.97
N TYR A 305 14.85 1.32 -22.66
CA TYR A 305 14.61 1.73 -21.28
C TYR A 305 13.96 0.62 -20.46
N ALA A 306 12.81 0.10 -20.90
CA ALA A 306 12.11 -0.88 -20.08
C ALA A 306 12.75 -2.27 -20.15
N PHE A 307 12.93 -2.82 -21.36
CA PHE A 307 13.23 -4.24 -21.52
C PHE A 307 14.61 -4.62 -21.00
N VAL A 308 15.59 -3.72 -21.10
CA VAL A 308 16.93 -3.98 -20.60
C VAL A 308 16.91 -4.21 -19.09
N GLY A 309 16.06 -3.46 -18.39
CA GLY A 309 15.91 -3.57 -16.94
C GLY A 309 15.41 -4.91 -16.44
N GLU A 310 16.13 -5.49 -15.47
CA GLU A 310 15.74 -6.77 -14.88
C GLU A 310 14.42 -6.66 -14.12
N LYS A 311 14.17 -5.51 -13.48
CA LYS A 311 12.94 -5.30 -12.73
C LYS A 311 11.70 -5.34 -13.63
N PHE A 312 11.80 -4.72 -14.80
CA PHE A 312 10.70 -4.76 -15.77
C PHE A 312 10.51 -6.17 -16.30
N ARG A 313 11.60 -6.92 -16.50
CA ARG A 313 11.49 -8.31 -16.92
C ARG A 313 10.77 -9.15 -15.88
N ARG A 314 11.06 -8.90 -14.59
CA ARG A 314 10.36 -9.60 -13.52
C ARG A 314 8.88 -9.26 -13.52
N TYR A 315 8.56 -7.98 -13.77
CA TYR A 315 7.16 -7.57 -13.89
C TYR A 315 6.48 -8.24 -15.07
N LEU A 316 7.19 -8.36 -16.20
CA LEU A 316 6.67 -9.04 -17.38
C LEU A 316 6.41 -10.52 -17.11
N SER A 317 7.33 -11.17 -16.39
CA SER A 317 7.17 -12.57 -16.04
C SER A 317 5.99 -12.78 -15.10
N VAL A 318 5.83 -11.91 -14.10
CA VAL A 318 4.70 -11.99 -13.18
C VAL A 318 3.39 -11.76 -13.94
N PHE A 319 3.39 -10.82 -14.88
CA PHE A 319 2.19 -10.56 -15.69
C PHE A 319 1.81 -11.76 -16.55
N PHE A 320 2.80 -12.44 -17.15
CA PHE A 320 2.48 -13.61 -17.96
C PHE A 320 2.06 -14.80 -17.11
N ARG A 321 2.68 -14.99 -15.94
CA ARG A 321 2.25 -16.05 -15.04
C ARG A 321 0.84 -15.81 -14.50
N LYS A 322 0.54 -14.57 -14.12
CA LYS A 322 -0.80 -14.24 -13.66
C LYS A 322 -1.84 -14.33 -14.77
N HIS A 323 -1.48 -13.85 -15.97
CA HIS A 323 -2.37 -13.96 -17.12
C HIS A 323 -1.80 -14.92 -18.17
N GLN B 1 5.06 18.15 -38.44
CA GLN B 1 4.75 17.28 -39.56
C GLN B 1 6.03 16.65 -40.12
N PRO B 2 5.90 15.57 -40.91
CA PRO B 2 7.08 15.06 -41.62
C PRO B 2 7.52 16.02 -42.69
N ASP B 3 8.84 16.23 -42.78
CA ASP B 3 9.40 17.04 -43.84
C ASP B 3 9.28 16.36 -45.20
N ALA B 4 9.20 15.02 -45.21
CA ALA B 4 9.10 14.26 -46.45
C ALA B 4 7.83 14.60 -47.23
N ILE B 5 6.70 14.71 -46.54
CA ILE B 5 5.46 15.10 -47.18
C ILE B 5 5.50 16.56 -47.62
N ASN B 6 6.07 17.44 -46.79
CA ASN B 6 6.18 18.88 -47.00
C ASN B 6 7.15 19.30 -48.13
N ALA B 7 7.69 18.39 -48.94
CA ALA B 7 8.60 18.72 -50.03
C ALA B 7 7.90 19.55 -51.10
N PRO B 8 8.38 20.77 -51.38
CA PRO B 8 7.72 21.62 -52.37
C PRO B 8 7.80 21.05 -53.78
N VAL B 9 6.66 21.13 -54.49
CA VAL B 9 6.57 20.62 -55.85
C VAL B 9 7.42 21.45 -56.81
N THR B 10 7.48 22.77 -56.62
CA THR B 10 8.22 23.65 -57.52
C THR B 10 8.93 24.70 -56.68
N CYS B 11 10.18 25.00 -57.04
CA CYS B 11 10.96 25.99 -56.31
C CYS B 11 11.85 26.74 -57.30
N CYS B 12 12.39 27.88 -56.84
CA CYS B 12 13.27 28.73 -57.64
C CYS B 12 14.62 28.89 -56.97
N TYR B 13 15.62 28.16 -57.47
CA TYR B 13 16.97 28.29 -56.95
C TYR B 13 17.65 29.55 -57.44
N ASN B 14 17.53 29.85 -58.74
CA ASN B 14 18.16 31.03 -59.33
C ASN B 14 17.44 31.40 -60.61
N PHE B 15 17.66 32.64 -61.05
CA PHE B 15 17.07 33.12 -62.30
C PHE B 15 18.13 33.82 -63.14
N THR B 16 18.32 33.31 -64.36
CA THR B 16 19.04 34.01 -65.42
C THR B 16 18.09 34.65 -66.42
N ASN B 17 16.79 34.50 -66.17
CA ASN B 17 15.72 34.94 -67.06
C ASN B 17 15.71 36.45 -67.26
N ARG B 18 15.12 36.87 -68.38
CA ARG B 18 14.99 38.27 -68.77
C ARG B 18 13.49 38.61 -68.80
N LYS B 19 13.16 39.81 -69.29
CA LYS B 19 11.78 40.27 -69.36
C LYS B 19 10.98 39.46 -70.38
N ILE B 20 9.70 39.26 -70.09
CA ILE B 20 8.80 38.49 -70.94
C ILE B 20 7.68 39.40 -71.44
N SER B 21 7.39 39.33 -72.74
CA SER B 21 6.34 40.13 -73.36
C SER B 21 4.97 39.74 -72.80
N VAL B 22 4.06 40.73 -72.77
CA VAL B 22 2.71 40.58 -72.26
C VAL B 22 1.94 39.46 -72.96
N GLN B 23 2.19 39.27 -74.26
CA GLN B 23 1.47 38.23 -75.00
C GLN B 23 2.03 36.84 -74.73
N ARG B 24 3.32 36.75 -74.39
CA ARG B 24 3.97 35.47 -74.11
C ARG B 24 3.58 34.88 -72.76
N LEU B 25 2.80 35.59 -71.94
CA LEU B 25 2.47 35.15 -70.59
C LEU B 25 1.14 34.41 -70.61
N ALA B 26 1.21 33.07 -70.63
CA ALA B 26 -0.01 32.27 -70.65
C ALA B 26 -0.66 32.17 -69.27
N SER B 27 0.14 32.04 -68.22
CA SER B 27 -0.42 31.80 -66.89
C SER B 27 0.55 32.27 -65.81
N TYR B 28 0.03 32.37 -64.59
CA TYR B 28 0.71 32.96 -63.45
C TYR B 28 0.43 32.12 -62.21
N ARG B 29 1.47 31.63 -61.54
CA ARG B 29 1.27 30.80 -60.34
C ARG B 29 2.26 31.28 -59.28
N ARG B 30 1.80 32.19 -58.42
CA ARG B 30 2.64 32.70 -57.35
C ARG B 30 2.93 31.60 -56.34
N ILE B 31 4.20 31.49 -55.92
CA ILE B 31 4.60 30.53 -54.89
C ILE B 31 5.28 31.27 -53.76
N THR B 32 4.81 31.06 -52.54
CA THR B 32 5.32 31.68 -51.33
C THR B 32 5.54 30.61 -50.26
N SER B 33 6.04 29.45 -50.67
CA SER B 33 6.23 28.34 -49.76
C SER B 33 7.35 28.65 -48.78
N SER B 34 7.17 28.20 -47.53
CA SER B 34 8.15 28.49 -46.49
C SER B 34 9.43 27.68 -46.65
N LYS B 35 9.38 26.58 -47.40
CA LYS B 35 10.54 25.70 -47.56
C LYS B 35 11.44 26.14 -48.71
N CYS B 36 11.09 27.19 -49.43
CA CYS B 36 11.96 27.74 -50.45
C CYS B 36 12.62 29.03 -49.97
N PRO B 37 13.85 29.31 -50.41
CA PRO B 37 14.58 30.47 -49.85
C PRO B 37 14.04 31.81 -50.30
N LYS B 38 13.26 31.86 -51.37
CA LYS B 38 12.68 33.10 -51.88
C LYS B 38 11.26 32.83 -52.36
N GLU B 39 10.40 33.83 -52.19
CA GLU B 39 9.11 33.83 -52.87
C GLU B 39 9.32 34.08 -54.35
N ALA B 40 8.41 33.57 -55.18
CA ALA B 40 8.71 33.55 -56.61
C ALA B 40 7.44 33.59 -57.45
N VAL B 41 7.63 34.03 -58.69
CA VAL B 41 6.57 34.10 -59.70
C VAL B 41 6.85 33.01 -60.75
N ILE B 42 5.89 32.12 -60.94
CA ILE B 42 5.98 31.08 -61.96
C ILE B 42 5.15 31.57 -63.15
N PHE B 43 5.83 32.25 -64.08
CA PHE B 43 5.25 32.60 -65.38
C PHE B 43 5.21 31.36 -66.26
N LYS B 44 4.03 30.76 -66.39
CA LYS B 44 3.85 29.61 -67.26
C LYS B 44 3.67 30.12 -68.69
N THR B 45 4.63 29.83 -69.56
CA THR B 45 4.58 30.27 -70.95
C THR B 45 3.65 29.38 -71.78
N ILE B 46 3.40 29.81 -73.02
CA ILE B 46 2.55 29.06 -73.94
C ILE B 46 3.19 27.77 -74.42
N VAL B 47 4.51 27.63 -74.26
CA VAL B 47 5.24 26.44 -74.70
C VAL B 47 5.37 25.48 -73.51
N ALA B 48 4.58 25.75 -72.47
CA ALA B 48 4.51 24.97 -71.23
C ALA B 48 5.85 24.93 -70.50
N LYS B 49 6.56 26.05 -70.53
CA LYS B 49 7.80 26.22 -69.79
C LYS B 49 7.59 27.26 -68.70
N GLU B 50 7.93 26.88 -67.48
CA GLU B 50 7.75 27.76 -66.32
C GLU B 50 9.01 28.61 -66.13
N ILE B 51 8.82 29.93 -66.15
CA ILE B 51 9.92 30.88 -65.98
C ILE B 51 9.78 31.54 -64.60
N CYS B 52 10.83 31.42 -63.80
CA CYS B 52 10.88 32.08 -62.50
C CYS B 52 11.10 33.58 -62.66
N ALA B 53 10.33 34.37 -61.92
CA ALA B 53 10.46 35.82 -61.92
C ALA B 53 10.51 36.35 -60.50
N ASP B 54 11.37 37.35 -60.31
CA ASP B 54 11.52 38.07 -59.04
C ASP B 54 10.34 39.01 -58.84
N PRO B 55 9.61 38.93 -57.72
CA PRO B 55 8.39 39.74 -57.56
C PRO B 55 8.63 41.22 -57.27
N LYS B 56 9.87 41.64 -57.05
CA LYS B 56 10.16 43.03 -56.67
C LYS B 56 10.35 43.92 -57.89
N GLN B 57 10.62 43.36 -59.06
CA GLN B 57 10.87 44.15 -60.26
C GLN B 57 9.59 44.83 -60.74
N LYS B 58 9.77 45.89 -61.53
CA LYS B 58 8.65 46.72 -61.95
C LYS B 58 7.80 46.06 -63.03
N TRP B 59 8.46 45.41 -64.00
CA TRP B 59 7.70 44.76 -65.07
C TRP B 59 6.99 43.50 -64.58
N VAL B 60 7.55 42.83 -63.58
CA VAL B 60 6.87 41.70 -62.97
C VAL B 60 5.63 42.16 -62.21
N GLN B 61 5.71 43.33 -61.55
CA GLN B 61 4.55 43.89 -60.87
C GLN B 61 3.47 44.32 -61.87
N ASP B 62 3.87 44.93 -62.99
CA ASP B 62 2.91 45.30 -64.02
C ASP B 62 2.27 44.08 -64.66
N SER B 63 3.04 43.00 -64.84
CA SER B 63 2.50 41.76 -65.38
C SER B 63 1.52 41.12 -64.40
N MET B 64 1.81 41.18 -63.09
CA MET B 64 0.88 40.65 -62.10
C MET B 64 -0.40 41.47 -62.06
N ASP B 65 -0.28 42.79 -62.23
CA ASP B 65 -1.46 43.65 -62.30
C ASP B 65 -2.32 43.33 -63.51
N HIS B 66 -1.68 43.23 -64.69
CA HIS B 66 -2.41 42.95 -65.93
C HIS B 66 -3.05 41.58 -65.92
N LEU B 67 -2.34 40.55 -65.43
CA LEU B 67 -2.92 39.22 -65.32
C LEU B 67 -4.04 39.18 -64.29
N ASP B 68 -3.90 39.94 -63.21
CA ASP B 68 -4.95 40.00 -62.18
C ASP B 68 -6.24 40.60 -62.75
N LYS B 69 -6.11 41.65 -63.57
CA LYS B 69 -7.28 42.28 -64.17
C LYS B 69 -7.58 41.66 -65.52
N GLY C 2 -22.18 10.32 -3.71
CA GLY C 2 -22.44 10.82 -2.37
C GLY C 2 -23.90 11.19 -2.14
N CYS C 3 -24.70 11.07 -3.20
CA CYS C 3 -26.13 11.38 -3.09
C CYS C 3 -26.86 10.32 -2.27
N THR C 4 -26.56 9.04 -2.51
CA THR C 4 -27.20 7.97 -1.76
C THR C 4 -26.74 7.93 -0.31
N LEU C 5 -25.49 8.33 -0.05
CA LEU C 5 -24.95 8.31 1.31
C LEU C 5 -25.59 9.40 2.16
N SER C 6 -25.83 9.07 3.43
CA SER C 6 -26.34 10.01 4.41
C SER C 6 -25.23 10.90 4.93
N ALA C 7 -25.57 11.81 5.84
CA ALA C 7 -24.59 12.76 6.37
C ALA C 7 -23.54 12.06 7.24
N GLU C 8 -23.97 11.11 8.08
CA GLU C 8 -23.03 10.37 8.91
C GLU C 8 -22.13 9.46 8.07
N ASP C 9 -22.67 8.92 6.97
CA ASP C 9 -21.84 8.13 6.06
C ASP C 9 -20.77 8.98 5.40
N LYS C 10 -21.13 10.19 4.97
CA LYS C 10 -20.15 11.08 4.33
C LYS C 10 -19.10 11.55 5.32
N ALA C 11 -19.50 11.79 6.56
CA ALA C 11 -18.53 12.14 7.59
C ALA C 11 -17.60 10.97 7.93
N ALA C 12 -18.12 9.74 7.88
CA ALA C 12 -17.26 8.57 8.03
C ALA C 12 -16.26 8.45 6.89
N VAL C 13 -16.70 8.76 5.66
CA VAL C 13 -15.78 8.77 4.52
C VAL C 13 -14.70 9.84 4.69
N GLU C 14 -15.08 11.00 5.24
CA GLU C 14 -14.10 12.07 5.49
C GLU C 14 -13.09 11.65 6.57
N ARG C 15 -13.56 10.97 7.61
CA ARG C 15 -12.66 10.43 8.63
C ARG C 15 -11.71 9.39 8.06
N SER C 16 -12.20 8.55 7.15
CA SER C 16 -11.34 7.57 6.49
C SER C 16 -10.29 8.24 5.61
N LYS C 17 -10.66 9.32 4.92
CA LYS C 17 -9.67 10.05 4.12
C LYS C 17 -8.60 10.72 4.99
N MET C 18 -9.00 11.24 6.16
CA MET C 18 -8.04 11.77 7.12
C MET C 18 -7.06 10.69 7.59
N ILE C 19 -7.61 9.50 7.88
CA ILE C 19 -6.78 8.36 8.29
C ILE C 19 -5.84 7.93 7.17
N ASP C 20 -6.32 7.98 5.92
CA ASP C 20 -5.50 7.60 4.77
C ASP C 20 -4.34 8.57 4.57
N ARG C 21 -4.58 9.87 4.75
CA ARG C 21 -3.50 10.84 4.60
C ARG C 21 -2.48 10.69 5.72
N ASN C 22 -2.93 10.38 6.95
CA ASN C 22 -2.00 10.14 8.05
C ASN C 22 -1.16 8.88 7.80
N LEU C 23 -1.78 7.82 7.27
CA LEU C 23 -1.05 6.59 6.94
C LEU C 23 -0.01 6.83 5.85
N ARG C 24 -0.38 7.61 4.82
CA ARG C 24 0.55 7.91 3.73
C ARG C 24 1.74 8.73 4.21
N GLU C 25 1.49 9.74 5.05
CA GLU C 25 2.59 10.55 5.57
C GLU C 25 3.50 9.75 6.49
N ASP C 26 2.93 8.86 7.31
CA ASP C 26 3.75 8.03 8.19
C ASP C 26 4.56 7.02 7.40
N GLY C 27 3.99 6.48 6.31
CA GLY C 27 4.74 5.58 5.45
C GLY C 27 5.88 6.27 4.72
N GLU C 28 5.64 7.51 4.25
CA GLU C 28 6.71 8.28 3.61
C GLU C 28 7.83 8.62 4.60
N LYS C 29 7.48 8.90 5.85
CA LYS C 29 8.51 9.13 6.86
C LYS C 29 9.28 7.84 7.19
N ALA C 30 8.58 6.71 7.22
CA ALA C 30 9.21 5.45 7.59
C ALA C 30 10.13 4.92 6.49
N ALA C 31 9.79 5.18 5.21
CA ALA C 31 10.56 4.63 4.10
C ALA C 31 11.97 5.20 4.01
N ARG C 32 12.18 6.43 4.49
CA ARG C 32 13.49 7.05 4.41
C ARG C 32 14.48 6.49 5.43
N GLU C 33 13.98 5.91 6.52
CA GLU C 33 14.85 5.41 7.58
C GLU C 33 15.54 4.12 7.17
N VAL C 34 16.78 3.96 7.63
CA VAL C 34 17.63 2.82 7.28
C VAL C 34 17.59 1.82 8.42
N LYS C 35 17.16 0.59 8.12
CA LYS C 35 17.03 -0.48 9.13
C LYS C 35 18.22 -1.43 9.05
N LEU C 36 18.85 -1.67 10.20
CA LEU C 36 20.01 -2.53 10.32
C LEU C 36 19.74 -3.62 11.34
N LEU C 37 19.90 -4.87 10.96
CA LEU C 37 19.68 -6.00 11.86
C LEU C 37 21.00 -6.43 12.47
N LEU C 38 21.08 -6.44 13.80
CA LEU C 38 22.33 -6.75 14.49
C LEU C 38 22.31 -8.21 14.95
N LEU C 39 23.29 -8.99 14.50
CA LEU C 39 23.39 -10.41 14.82
C LEU C 39 24.80 -10.74 15.29
N GLY C 40 24.96 -11.98 15.74
CA GLY C 40 26.22 -12.46 16.27
C GLY C 40 26.04 -13.36 17.47
N ALA C 41 27.13 -13.89 18.01
CA ALA C 41 27.05 -14.76 19.17
C ALA C 41 26.87 -13.93 20.44
N GLY C 42 26.58 -14.64 21.54
CA GLY C 42 26.37 -13.97 22.82
C GLY C 42 27.62 -13.30 23.36
N GLU C 43 28.78 -13.93 23.16
CA GLU C 43 30.05 -13.42 23.67
C GLU C 43 30.80 -12.57 22.66
N SER C 44 30.11 -12.11 21.60
CA SER C 44 30.73 -11.34 20.53
C SER C 44 31.07 -9.91 20.91
N GLY C 45 30.61 -9.43 22.07
CA GLY C 45 30.85 -8.05 22.45
C GLY C 45 30.13 -7.04 21.57
N LYS C 46 28.89 -7.34 21.19
CA LYS C 46 28.10 -6.40 20.39
C LYS C 46 27.63 -5.21 21.23
N SER C 47 27.56 -5.38 22.56
CA SER C 47 27.20 -4.29 23.46
C SER C 47 28.16 -3.11 23.36
N THR C 48 29.44 -3.39 23.09
CA THR C 48 30.43 -2.32 22.92
C THR C 48 30.10 -1.43 21.72
N ILE C 49 29.78 -2.04 20.57
CA ILE C 49 29.41 -1.21 19.43
C ILE C 49 28.05 -0.56 19.65
N VAL C 50 27.12 -1.21 20.39
CA VAL C 50 25.84 -0.59 20.69
C VAL C 50 26.05 0.67 21.52
N LYS C 51 26.98 0.62 22.47
CA LYS C 51 27.42 1.81 23.20
C LYS C 51 27.99 2.86 22.26
N GLN C 52 28.80 2.44 21.28
CA GLN C 52 29.41 3.40 20.35
C GLN C 52 28.38 4.09 19.45
N MET C 53 27.45 3.33 18.87
CA MET C 53 26.46 3.89 17.95
C MET C 53 25.46 4.79 18.67
N LYS C 54 25.16 4.48 19.94
CA LYS C 54 24.15 5.21 20.71
C LYS C 54 24.49 6.68 20.87
N ILE C 55 25.77 6.99 21.10
CA ILE C 55 26.24 8.37 21.24
C ILE C 55 25.91 9.19 19.99
N ILE C 56 26.42 8.75 18.84
CA ILE C 56 26.16 9.45 17.59
C ILE C 56 24.78 9.09 17.07
N THR C 181 13.15 -7.29 31.76
CA THR C 181 12.52 -6.97 30.50
C THR C 181 13.29 -7.62 29.35
N THR C 182 12.57 -8.21 28.41
CA THR C 182 13.18 -8.91 27.28
C THR C 182 12.41 -8.57 26.01
N GLY C 183 13.09 -8.73 24.87
CA GLY C 183 12.50 -8.49 23.58
C GLY C 183 13.48 -7.80 22.66
N ILE C 184 12.97 -7.31 21.54
CA ILE C 184 13.78 -6.61 20.55
C ILE C 184 14.24 -5.28 21.13
N VAL C 185 15.56 -5.05 21.10
CA VAL C 185 16.14 -3.79 21.56
C VAL C 185 16.36 -2.90 20.34
N GLU C 186 15.63 -1.79 20.27
CA GLU C 186 15.75 -0.84 19.17
C GLU C 186 16.68 0.30 19.57
N THR C 187 17.59 0.65 18.67
CA THR C 187 18.50 1.78 18.86
C THR C 187 18.34 2.76 17.71
N HIS C 188 17.86 3.95 18.00
CA HIS C 188 17.69 5.01 17.01
C HIS C 188 18.87 5.97 17.09
N PHE C 189 19.47 6.28 15.95
CA PHE C 189 20.45 7.35 15.91
C PHE C 189 20.46 8.00 14.53
N THR C 190 21.23 9.08 14.42
CA THR C 190 21.36 9.84 13.18
C THR C 190 22.84 10.05 12.88
N PHE C 191 23.15 10.11 11.59
CA PHE C 191 24.52 10.38 11.15
C PHE C 191 24.45 10.95 9.75
N LYS C 192 25.02 12.15 9.58
CA LYS C 192 25.05 12.91 8.32
C LYS C 192 23.67 13.05 7.70
N ASP C 193 22.70 13.44 8.55
CA ASP C 193 21.28 13.57 8.21
C ASP C 193 20.71 12.27 7.61
N LEU C 194 21.14 11.14 8.16
CA LEU C 194 20.57 9.85 7.79
C LEU C 194 20.21 9.09 9.07
N HIS C 195 18.98 8.61 9.14
CA HIS C 195 18.46 8.00 10.36
C HIS C 195 18.63 6.48 10.30
N PHE C 196 19.25 5.91 11.32
CA PHE C 196 19.50 4.48 11.43
C PHE C 196 18.72 3.89 12.60
N LYS C 197 18.02 2.79 12.34
CA LYS C 197 17.34 1.99 13.34
C LYS C 197 18.02 0.63 13.42
N MET C 198 18.69 0.36 14.53
CA MET C 198 19.37 -0.91 14.74
C MET C 198 18.51 -1.81 15.62
N PHE C 199 18.23 -3.02 15.13
CA PHE C 199 17.38 -3.97 15.83
C PHE C 199 18.23 -5.11 16.39
N ASP C 200 18.22 -5.26 17.71
CA ASP C 200 18.97 -6.30 18.40
C ASP C 200 17.99 -7.38 18.84
N VAL C 201 18.23 -8.61 18.40
CA VAL C 201 17.38 -9.77 18.65
C VAL C 201 18.04 -10.74 19.63
N GLY C 202 19.12 -10.32 20.30
CA GLY C 202 19.89 -11.22 21.16
C GLY C 202 19.13 -11.77 22.35
N ALA C 203 18.15 -11.01 22.86
CA ALA C 203 17.42 -11.40 24.07
C ALA C 203 16.66 -12.71 23.91
N GLN C 204 16.08 -12.95 22.74
CA GLN C 204 15.27 -14.15 22.51
C GLN C 204 16.11 -15.24 21.82
N ARG C 205 16.29 -16.36 22.52
CA ARG C 205 17.02 -17.51 22.02
C ARG C 205 16.10 -18.71 21.79
N SER C 206 14.79 -18.47 21.73
CA SER C 206 13.83 -19.56 21.58
C SER C 206 13.91 -20.21 20.21
N GLU C 207 13.96 -19.38 19.15
CA GLU C 207 13.91 -19.89 17.79
C GLU C 207 14.55 -18.86 16.89
N ARG C 208 15.05 -19.31 15.73
CA ARG C 208 15.58 -18.43 14.70
C ARG C 208 14.87 -18.60 13.37
N LYS C 209 14.18 -19.72 13.15
CA LYS C 209 13.56 -20.01 11.87
C LYS C 209 12.16 -19.40 11.73
N LYS C 210 11.45 -19.16 12.83
CA LYS C 210 10.05 -18.79 12.76
C LYS C 210 9.79 -17.29 12.88
N TRP C 211 10.83 -16.47 12.96
CA TRP C 211 10.62 -15.02 12.95
C TRP C 211 11.58 -14.23 12.09
N ILE C 212 12.66 -14.83 11.58
CA ILE C 212 13.67 -14.09 10.82
C ILE C 212 13.13 -13.61 9.48
N HIS C 213 12.05 -14.24 8.97
CA HIS C 213 11.39 -13.77 7.76
C HIS C 213 10.71 -12.43 7.97
N CYS C 214 10.45 -12.04 9.22
CA CYS C 214 9.99 -10.68 9.52
C CYS C 214 11.00 -9.64 9.11
N PHE C 215 12.29 -9.97 9.20
CA PHE C 215 13.37 -9.04 8.89
C PHE C 215 13.81 -9.10 7.43
N GLU C 216 12.93 -9.57 6.53
CA GLU C 216 13.29 -9.73 5.12
C GLU C 216 13.63 -8.39 4.47
N GLY C 217 12.84 -7.35 4.74
CA GLY C 217 13.13 -6.05 4.19
C GLY C 217 14.01 -5.17 5.05
N VAL C 218 15.28 -5.51 5.19
CA VAL C 218 16.24 -4.69 5.91
C VAL C 218 17.38 -4.36 4.98
N THR C 219 17.93 -3.15 5.11
CA THR C 219 19.00 -2.70 4.24
C THR C 219 20.27 -3.53 4.43
N ALA C 220 20.65 -3.81 5.66
CA ALA C 220 21.87 -4.55 5.92
C ALA C 220 21.81 -5.28 7.25
N ILE C 221 22.62 -6.34 7.33
CA ILE C 221 22.79 -7.11 8.54
C ILE C 221 24.19 -6.83 9.06
N ILE C 222 24.29 -6.32 10.28
CA ILE C 222 25.57 -6.11 10.94
C ILE C 222 25.81 -7.35 11.79
N PHE C 223 26.81 -8.13 11.41
CA PHE C 223 27.11 -9.40 12.05
C PHE C 223 28.43 -9.23 12.80
N CYS C 224 28.41 -9.48 14.09
CA CYS C 224 29.56 -9.19 14.94
C CYS C 224 30.10 -10.48 15.53
N VAL C 225 31.41 -10.70 15.38
CA VAL C 225 32.10 -11.79 16.05
C VAL C 225 33.38 -11.27 16.65
N ALA C 226 33.87 -11.99 17.66
CA ALA C 226 35.11 -11.65 18.33
C ALA C 226 36.23 -12.56 17.86
N LEU C 227 37.44 -12.02 17.88
CA LEU C 227 38.60 -12.78 17.47
C LEU C 227 39.28 -13.51 18.63
N SER C 228 38.95 -13.17 19.87
CA SER C 228 39.52 -13.86 21.03
C SER C 228 38.73 -15.10 21.42
N ASP C 229 37.75 -15.50 20.61
CA ASP C 229 36.89 -16.64 20.92
C ASP C 229 37.54 -17.99 20.67
N TYR C 230 38.63 -18.05 19.89
CA TYR C 230 39.15 -19.34 19.46
C TYR C 230 39.81 -20.11 20.61
N ASP C 231 40.44 -19.40 21.55
CA ASP C 231 41.03 -20.06 22.71
C ASP C 231 39.96 -20.56 23.69
N LEU C 232 38.78 -19.94 23.69
CA LEU C 232 37.74 -20.26 24.66
C LEU C 232 36.76 -21.27 24.07
N VAL C 233 36.56 -22.37 24.78
CA VAL C 233 35.59 -23.38 24.36
C VAL C 233 34.18 -22.94 24.77
N LEU C 234 33.18 -23.50 24.09
CA LEU C 234 31.79 -23.20 24.35
C LEU C 234 31.38 -23.70 25.74
N ALA C 235 30.55 -22.90 26.42
CA ALA C 235 30.11 -23.24 27.77
C ALA C 235 29.21 -24.47 27.79
N GLU C 236 28.26 -24.56 26.85
CA GLU C 236 27.32 -25.68 26.82
C GLU C 236 28.02 -26.99 26.50
N ASP C 237 28.88 -26.99 25.48
CA ASP C 237 29.64 -28.17 25.09
C ASP C 237 31.10 -27.79 24.99
N GLU C 238 31.94 -28.42 25.82
CA GLU C 238 33.37 -28.12 25.84
C GLU C 238 34.06 -28.52 24.54
N GLU C 239 33.60 -29.60 23.90
CA GLU C 239 34.25 -30.09 22.69
C GLU C 239 34.12 -29.10 21.53
N MET C 240 32.96 -28.47 21.40
CA MET C 240 32.73 -27.51 20.31
C MET C 240 33.39 -26.17 20.61
N ASN C 241 34.15 -25.65 19.65
CA ASN C 241 34.77 -24.35 19.80
C ASN C 241 33.75 -23.24 19.52
N ARG C 242 34.05 -22.03 20.02
CA ARG C 242 33.11 -20.92 19.89
C ARG C 242 33.17 -20.27 18.52
N MET C 243 34.37 -20.13 17.95
CA MET C 243 34.51 -19.54 16.62
C MET C 243 33.84 -20.40 15.55
N HIS C 244 33.90 -21.72 15.70
CA HIS C 244 33.20 -22.60 14.77
C HIS C 244 31.68 -22.49 14.90
N GLU C 245 31.19 -22.24 16.12
CA GLU C 245 29.76 -21.97 16.30
C GLU C 245 29.37 -20.65 15.64
N SER C 246 30.23 -19.63 15.73
CA SER C 246 30.00 -18.38 15.03
C SER C 246 30.03 -18.55 13.52
N MET C 247 30.88 -19.45 13.02
CA MET C 247 30.92 -19.73 11.59
C MET C 247 29.66 -20.45 11.12
N LYS C 248 29.14 -21.39 11.92
CA LYS C 248 27.89 -22.04 11.56
C LYS C 248 26.71 -21.07 11.61
N LEU C 249 26.73 -20.15 12.58
CA LEU C 249 25.75 -19.07 12.65
C LEU C 249 25.80 -18.19 11.41
N PHE C 250 27.01 -17.80 11.01
CA PHE C 250 27.20 -16.96 9.82
C PHE C 250 26.78 -17.67 8.56
N ASP C 251 27.07 -18.97 8.44
CA ASP C 251 26.68 -19.75 7.28
C ASP C 251 25.17 -19.88 7.18
N SER C 252 24.50 -20.14 8.30
CA SER C 252 23.04 -20.25 8.31
C SER C 252 22.37 -18.92 7.96
N ILE C 253 22.87 -17.81 8.52
CA ILE C 253 22.26 -16.51 8.25
C ILE C 253 22.54 -16.05 6.82
N CYS C 254 23.77 -16.26 6.34
CA CYS C 254 24.16 -15.78 5.01
C CYS C 254 23.51 -16.60 3.90
N ASN C 255 23.43 -17.91 4.06
CA ASN C 255 22.86 -18.77 3.03
C ASN C 255 21.35 -18.93 3.16
N ASN C 256 20.71 -18.15 4.04
CA ASN C 256 19.26 -18.21 4.20
C ASN C 256 18.56 -17.72 2.95
N LYS C 257 17.42 -18.33 2.64
CA LYS C 257 16.67 -18.01 1.42
C LYS C 257 16.03 -16.63 1.49
N TRP C 258 15.77 -16.10 2.69
CA TRP C 258 15.13 -14.79 2.79
C TRP C 258 16.11 -13.67 2.49
N PHE C 259 17.38 -13.84 2.82
CA PHE C 259 18.39 -12.79 2.71
C PHE C 259 19.29 -12.96 1.51
N THR C 260 18.74 -13.39 0.37
CA THR C 260 19.54 -13.61 -0.82
C THR C 260 20.13 -12.31 -1.38
N ASP C 261 19.45 -11.18 -1.19
CA ASP C 261 19.92 -9.90 -1.68
C ASP C 261 20.45 -8.96 -0.58
N THR C 262 20.45 -9.38 0.68
CA THR C 262 20.80 -8.48 1.79
C THR C 262 22.28 -8.56 2.09
N SER C 263 22.92 -7.39 2.17
CA SER C 263 24.35 -7.30 2.43
C SER C 263 24.66 -7.49 3.91
N ILE C 264 25.89 -7.91 4.18
CA ILE C 264 26.37 -8.17 5.53
C ILE C 264 27.57 -7.28 5.80
N ILE C 265 27.52 -6.56 6.92
CA ILE C 265 28.64 -5.78 7.43
C ILE C 265 29.23 -6.57 8.59
N LEU C 266 30.42 -7.12 8.41
CA LEU C 266 31.04 -7.97 9.41
C LEU C 266 31.97 -7.13 10.28
N PHE C 267 31.80 -7.25 11.60
CA PHE C 267 32.67 -6.61 12.57
C PHE C 267 33.46 -7.65 13.33
N LEU C 268 34.77 -7.47 13.36
CA LEU C 268 35.70 -8.33 14.10
C LEU C 268 36.15 -7.53 15.32
N ASN C 269 35.58 -7.87 16.48
CA ASN C 269 35.81 -7.15 17.72
C ASN C 269 37.02 -7.71 18.46
N LYS C 270 37.49 -6.93 19.45
CA LYS C 270 38.52 -7.30 20.43
C LYS C 270 39.84 -7.69 19.76
N LYS C 271 40.30 -6.85 18.83
CA LYS C 271 41.54 -7.12 18.10
C LYS C 271 42.77 -7.06 19.01
N ASP C 272 42.77 -6.17 20.02
CA ASP C 272 43.90 -6.10 20.95
C ASP C 272 44.04 -7.37 21.79
N LEU C 273 42.90 -7.89 22.27
CA LEU C 273 42.91 -9.17 22.98
C LEU C 273 43.33 -10.31 22.06
N PHE C 274 42.96 -10.21 20.78
CA PHE C 274 43.43 -11.19 19.80
C PHE C 274 44.93 -11.13 19.61
N GLU C 275 45.52 -9.93 19.66
CA GLU C 275 46.97 -9.82 19.55
C GLU C 275 47.67 -10.43 20.77
N GLU C 276 47.14 -10.14 21.96
CA GLU C 276 47.70 -10.68 23.19
C GLU C 276 47.54 -12.19 23.26
N LYS C 277 46.46 -12.74 22.71
CA LYS C 277 46.31 -14.18 22.68
C LYS C 277 47.13 -14.84 21.57
N ILE C 278 47.24 -14.19 20.39
CA ILE C 278 47.93 -14.79 19.26
C ILE C 278 49.43 -14.85 19.51
N LYS C 279 49.99 -13.91 20.29
CA LYS C 279 51.41 -14.01 20.60
C LYS C 279 51.71 -15.22 21.50
N LYS C 280 50.87 -15.47 22.50
CA LYS C 280 51.08 -16.60 23.39
C LYS C 280 50.75 -17.94 22.72
N SER C 281 49.64 -17.99 21.98
CA SER C 281 49.14 -19.23 21.40
C SER C 281 48.94 -19.12 19.90
N PRO C 282 49.34 -20.13 19.13
CA PRO C 282 49.16 -20.10 17.68
C PRO C 282 47.71 -20.33 17.29
N LEU C 283 47.42 -20.05 16.02
CA LEU C 283 46.08 -20.22 15.45
C LEU C 283 45.76 -21.68 15.15
N THR C 284 46.76 -22.56 15.23
CA THR C 284 46.64 -23.98 14.89
C THR C 284 45.60 -24.69 15.75
N ILE C 285 45.31 -24.17 16.95
CA ILE C 285 44.26 -24.73 17.80
C ILE C 285 42.90 -24.66 17.12
N CYS C 286 42.54 -23.50 16.56
CA CYS C 286 41.23 -23.41 15.92
C CYS C 286 41.24 -24.00 14.51
N TYR C 287 42.34 -23.87 13.77
CA TYR C 287 42.41 -24.42 12.41
C TYR C 287 43.43 -25.55 12.36
N PRO C 288 43.01 -26.80 12.15
CA PRO C 288 43.99 -27.90 12.02
C PRO C 288 44.84 -27.81 10.76
N GLU C 289 44.19 -27.56 9.62
CA GLU C 289 44.89 -27.50 8.33
C GLU C 289 45.24 -26.05 8.00
N TYR C 290 46.20 -25.52 8.75
CA TYR C 290 46.70 -24.17 8.53
C TYR C 290 48.21 -24.15 8.70
N ALA C 291 48.91 -23.71 7.66
CA ALA C 291 50.34 -23.49 7.70
C ALA C 291 50.58 -22.03 7.30
N GLY C 292 51.02 -21.23 8.26
CA GLY C 292 51.25 -19.82 8.01
C GLY C 292 52.07 -19.20 9.10
N SER C 293 52.59 -18.01 8.81
CA SER C 293 53.36 -17.25 9.79
C SER C 293 52.47 -16.79 10.93
N ASN C 294 53.04 -16.75 12.14
CA ASN C 294 52.42 -16.35 13.40
C ASN C 294 52.15 -14.80 13.49
N THR C 295 52.37 -14.08 12.40
CA THR C 295 52.12 -12.64 12.33
C THR C 295 50.64 -12.34 12.55
N TYR C 296 50.38 -11.23 13.26
CA TYR C 296 49.01 -10.80 13.56
C TYR C 296 48.20 -10.50 12.31
N GLU C 297 48.80 -9.81 11.35
CA GLU C 297 48.11 -9.42 10.12
C GLU C 297 47.74 -10.64 9.28
N GLU C 298 48.65 -11.61 9.18
CA GLU C 298 48.37 -12.84 8.42
C GLU C 298 47.25 -13.66 9.05
N ALA C 299 47.25 -13.76 10.38
CA ALA C 299 46.20 -14.50 11.08
C ALA C 299 44.84 -13.83 10.91
N ALA C 300 44.79 -12.50 11.05
CA ALA C 300 43.53 -11.77 10.85
C ALA C 300 43.05 -11.88 9.41
N ALA C 301 43.97 -11.82 8.44
CA ALA C 301 43.61 -11.96 7.04
C ALA C 301 43.08 -13.36 6.74
N TYR C 302 43.66 -14.38 7.36
CA TYR C 302 43.17 -15.74 7.17
C TYR C 302 41.78 -15.94 7.75
N ILE C 303 41.52 -15.35 8.93
CA ILE C 303 40.18 -15.43 9.53
C ILE C 303 39.14 -14.74 8.64
N GLN C 304 39.50 -13.55 8.13
CA GLN C 304 38.62 -12.83 7.21
C GLN C 304 38.38 -13.61 5.92
N CYS C 305 39.43 -14.27 5.42
CA CYS C 305 39.30 -15.07 4.20
C CYS C 305 38.38 -16.27 4.41
N GLN C 306 38.47 -16.92 5.57
CA GLN C 306 37.57 -18.05 5.86
C GLN C 306 36.11 -17.60 5.97
N PHE C 307 35.88 -16.48 6.68
CA PHE C 307 34.52 -15.94 6.77
C PHE C 307 33.95 -15.54 5.41
N GLU C 308 34.78 -14.95 4.55
CA GLU C 308 34.32 -14.63 3.20
C GLU C 308 34.07 -15.87 2.36
N ASP C 309 34.97 -16.87 2.43
CA ASP C 309 34.79 -18.15 1.76
C ASP C 309 33.53 -18.90 2.19
N LEU C 310 33.01 -18.62 3.40
CA LEU C 310 31.74 -19.23 3.81
C LEU C 310 30.56 -18.80 2.94
N ASN C 311 30.63 -17.61 2.34
CA ASN C 311 29.57 -17.10 1.48
C ASN C 311 29.40 -17.94 0.23
N LYS C 312 28.15 -18.29 -0.08
CA LYS C 312 27.80 -19.03 -1.29
C LYS C 312 27.12 -18.17 -2.33
N ARG C 313 26.88 -16.89 -2.04
CA ARG C 313 26.30 -15.94 -2.98
C ARG C 313 27.31 -14.80 -3.15
N LYS C 314 28.18 -14.94 -4.15
CA LYS C 314 29.22 -13.96 -4.39
C LYS C 314 28.84 -12.91 -5.43
N ASP C 315 27.76 -13.12 -6.17
CA ASP C 315 27.35 -12.20 -7.22
C ASP C 315 26.13 -11.36 -6.83
N THR C 316 25.45 -11.69 -5.74
CA THR C 316 24.32 -10.91 -5.27
C THR C 316 24.56 -10.26 -3.91
N LYS C 317 25.51 -10.76 -3.13
CA LYS C 317 25.70 -10.33 -1.75
C LYS C 317 27.15 -9.92 -1.53
N GLU C 318 27.37 -8.66 -1.21
CA GLU C 318 28.69 -8.16 -0.85
C GLU C 318 28.84 -8.15 0.67
N ILE C 319 29.97 -8.66 1.15
CA ILE C 319 30.28 -8.71 2.57
C ILE C 319 31.34 -7.66 2.87
N TYR C 320 31.06 -6.78 3.83
CA TYR C 320 31.97 -5.72 4.24
C TYR C 320 32.57 -6.08 5.59
N THR C 321 33.90 -6.05 5.68
CA THR C 321 34.61 -6.47 6.89
C THR C 321 35.38 -5.30 7.47
N HIS C 322 35.29 -5.12 8.79
CA HIS C 322 35.97 -4.05 9.47
C HIS C 322 36.52 -4.55 10.80
N PHE C 323 37.65 -3.99 11.21
CA PHE C 323 38.26 -4.29 12.50
C PHE C 323 37.92 -3.16 13.47
N THR C 324 37.25 -3.51 14.56
CA THR C 324 36.71 -2.51 15.49
C THR C 324 37.83 -1.73 16.17
N CYS C 325 37.67 -0.41 16.22
CA CYS C 325 38.64 0.51 16.76
C CYS C 325 38.07 1.25 17.96
N SER C 326 38.97 1.79 18.79
CA SER C 326 38.57 2.55 19.97
C SER C 326 37.82 3.81 19.59
N THR C 327 38.20 4.46 18.49
CA THR C 327 37.52 5.66 18.02
C THR C 327 36.10 5.33 17.59
N ASP C 328 35.13 6.09 18.11
CA ASP C 328 33.73 5.86 17.83
C ASP C 328 33.38 6.22 16.38
N THR C 329 33.97 7.30 15.86
CA THR C 329 33.58 7.86 14.56
C THR C 329 33.88 6.92 13.40
N LYS C 330 35.00 6.18 13.48
CA LYS C 330 35.45 5.34 12.36
C LYS C 330 34.47 4.21 12.04
N ASN C 331 33.94 3.55 13.08
CA ASN C 331 32.99 2.46 12.87
C ASN C 331 31.68 2.96 12.26
N VAL C 332 31.22 4.13 12.71
CA VAL C 332 29.99 4.72 12.20
C VAL C 332 30.19 5.15 10.75
N GLN C 333 31.36 5.72 10.44
CA GLN C 333 31.70 6.09 9.06
C GLN C 333 31.74 4.87 8.14
N PHE C 334 32.27 3.74 8.63
CA PHE C 334 32.28 2.52 7.83
C PHE C 334 30.86 2.01 7.57
N VAL C 335 30.00 2.05 8.60
CA VAL C 335 28.60 1.66 8.44
C VAL C 335 27.89 2.59 7.45
N PHE C 336 28.18 3.90 7.52
CA PHE C 336 27.59 4.87 6.62
C PHE C 336 28.02 4.63 5.17
N ASP C 337 29.29 4.29 4.96
CA ASP C 337 29.78 4.00 3.60
C ASP C 337 29.17 2.72 3.05
N ALA C 338 29.04 1.68 3.87
CA ALA C 338 28.44 0.44 3.41
C ALA C 338 26.96 0.62 3.10
N VAL C 339 26.24 1.38 3.93
CA VAL C 339 24.83 1.67 3.69
C VAL C 339 24.67 2.50 2.42
N THR C 340 25.59 3.43 2.18
CA THR C 340 25.57 4.23 0.95
C THR C 340 25.77 3.34 -0.29
N ASP C 341 26.66 2.36 -0.19
CA ASP C 341 26.85 1.42 -1.29
C ASP C 341 25.62 0.55 -1.53
N VAL C 342 24.96 0.13 -0.44
CA VAL C 342 23.75 -0.68 -0.57
C VAL C 342 22.61 0.13 -1.21
N ILE C 343 22.48 1.40 -0.82
CA ILE C 343 21.43 2.26 -1.39
C ILE C 343 21.71 2.56 -2.85
N ILE C 344 22.99 2.74 -3.22
CA ILE C 344 23.33 2.96 -4.62
C ILE C 344 23.05 1.71 -5.46
N LYS C 345 23.35 0.52 -4.92
CA LYS C 345 23.01 -0.72 -5.64
C LYS C 345 21.50 -0.90 -5.78
N ASN C 346 20.73 -0.54 -4.74
CA ASN C 346 19.28 -0.65 -4.81
C ASN C 346 18.70 0.34 -5.82
N ASN C 347 19.24 1.56 -5.88
CA ASN C 347 18.79 2.55 -6.85
C ASN C 347 19.14 2.13 -8.28
N LEU C 348 20.33 1.55 -8.47
CA LEU C 348 20.71 1.02 -9.77
C LEU C 348 19.80 -0.12 -10.21
N LYS C 349 19.41 -0.98 -9.27
CA LYS C 349 18.45 -2.03 -9.59
C LYS C 349 17.08 -1.47 -9.94
N ASP C 350 16.66 -0.41 -9.23
CA ASP C 350 15.37 0.23 -9.49
C ASP C 350 15.36 0.91 -10.86
N CYS C 351 16.45 1.58 -11.23
CA CYS C 351 16.51 2.28 -12.51
C CYS C 351 16.49 1.32 -13.69
N GLY C 352 17.06 0.13 -13.54
CA GLY C 352 17.12 -0.83 -14.61
C GLY C 352 18.40 -0.87 -15.40
N LEU C 353 19.46 -0.21 -14.92
CA LEU C 353 20.76 -0.30 -15.59
C LEU C 353 21.31 -1.72 -15.55
N PHE C 354 21.17 -2.41 -14.42
CA PHE C 354 21.57 -3.80 -14.38
C PHE C 354 20.46 -4.68 -14.96
N SER D 1 20.02 -44.40 36.97
CA SER D 1 19.44 -45.58 36.33
C SER D 1 17.93 -45.62 36.43
N GLU D 2 17.34 -44.83 37.35
CA GLU D 2 15.89 -44.72 37.44
C GLU D 2 15.29 -44.05 36.21
N LEU D 3 16.07 -43.20 35.52
CA LEU D 3 15.59 -42.50 34.34
C LEU D 3 15.28 -43.47 33.20
N ASP D 4 16.11 -44.52 33.06
CA ASP D 4 15.89 -45.48 31.98
C ASP D 4 14.65 -46.34 32.24
N GLN D 5 14.45 -46.77 33.49
CA GLN D 5 13.27 -47.54 33.85
C GLN D 5 12.00 -46.70 33.73
N LEU D 6 12.08 -45.41 34.09
CA LEU D 6 10.94 -44.53 33.98
C LEU D 6 10.61 -44.24 32.51
N ARG D 7 11.66 -44.14 31.66
CA ARG D 7 11.45 -43.99 30.23
C ARG D 7 10.82 -45.24 29.62
N GLN D 8 11.23 -46.42 30.09
CA GLN D 8 10.62 -47.67 29.65
C GLN D 8 9.15 -47.75 30.07
N GLU D 9 8.83 -47.25 31.28
CA GLU D 9 7.44 -47.17 31.72
C GLU D 9 6.63 -46.23 30.84
N ALA D 10 7.23 -45.09 30.46
CA ALA D 10 6.55 -44.17 29.54
C ALA D 10 6.33 -44.80 28.17
N GLU D 11 7.28 -45.61 27.72
CA GLU D 11 7.13 -46.32 26.45
C GLU D 11 6.01 -47.36 26.52
N GLN D 12 5.88 -48.02 27.67
CA GLN D 12 4.77 -48.97 27.87
C GLN D 12 3.42 -48.25 27.86
N LEU D 13 3.35 -47.07 28.50
CA LEU D 13 2.12 -46.30 28.49
C LEU D 13 1.76 -45.80 27.09
N LYS D 14 2.77 -45.38 26.32
CA LYS D 14 2.52 -44.97 24.93
C LYS D 14 2.07 -46.15 24.08
N ASN D 15 2.61 -47.34 24.33
CA ASN D 15 2.15 -48.54 23.64
C ASN D 15 0.70 -48.86 23.99
N GLN D 16 0.33 -48.65 25.25
CA GLN D 16 -1.07 -48.83 25.68
C GLN D 16 -2.01 -47.86 24.96
N ILE D 17 -1.58 -46.60 24.82
CA ILE D 17 -2.42 -45.59 24.14
C ILE D 17 -2.56 -45.93 22.65
N ARG D 18 -1.46 -46.37 22.01
CA ARG D 18 -1.52 -46.75 20.60
C ARG D 18 -2.40 -47.98 20.39
N ASP D 19 -2.35 -48.95 21.31
CA ASP D 19 -3.20 -50.13 21.22
C ASP D 19 -4.68 -49.77 21.41
N ALA D 20 -4.97 -48.84 22.32
CA ALA D 20 -6.35 -48.39 22.52
C ALA D 20 -6.90 -47.67 21.29
N ARG D 21 -6.08 -46.79 20.69
CA ARG D 21 -6.48 -46.09 19.47
C ARG D 21 -6.68 -47.07 18.32
N LYS D 22 -5.84 -48.11 18.23
CA LYS D 22 -6.01 -49.13 17.20
C LYS D 22 -7.28 -49.94 17.42
N ALA D 23 -7.59 -50.26 18.68
CA ALA D 23 -8.79 -51.02 19.00
C ALA D 23 -10.06 -50.23 18.67
N CYS D 24 -10.06 -48.92 18.93
CA CYS D 24 -11.23 -48.11 18.61
C CYS D 24 -11.41 -47.88 17.12
N ALA D 25 -10.38 -48.09 16.30
CA ALA D 25 -10.43 -47.81 14.86
C ALA D 25 -11.27 -48.84 14.12
N ASP D 26 -12.60 -48.70 14.27
CA ASP D 26 -13.52 -49.63 13.61
C ASP D 26 -13.63 -49.35 12.11
N ALA D 27 -13.80 -48.08 11.73
CA ALA D 27 -14.00 -47.72 10.34
C ALA D 27 -13.31 -46.40 10.03
N THR D 28 -13.24 -46.09 8.74
CA THR D 28 -12.64 -44.86 8.24
C THR D 28 -13.76 -43.88 7.91
N LEU D 29 -13.51 -42.59 8.13
CA LEU D 29 -14.48 -41.55 7.79
C LEU D 29 -14.77 -41.51 6.29
N SER D 30 -13.71 -41.69 5.47
CA SER D 30 -13.87 -41.67 4.02
C SER D 30 -14.70 -42.86 3.54
N GLN D 31 -14.66 -43.97 4.27
CA GLN D 31 -15.51 -45.10 3.93
C GLN D 31 -16.97 -44.82 4.26
N ILE D 32 -17.23 -44.05 5.33
CA ILE D 32 -18.61 -43.82 5.72
C ILE D 32 -19.28 -42.78 4.83
N THR D 33 -18.60 -41.67 4.55
CA THR D 33 -19.23 -40.52 3.91
C THR D 33 -19.27 -40.62 2.39
N ASN D 34 -19.01 -41.79 1.81
CA ASN D 34 -19.07 -41.95 0.36
C ASN D 34 -20.49 -41.82 -0.17
N ASN D 35 -21.50 -42.09 0.66
CA ASN D 35 -22.90 -41.96 0.23
C ASN D 35 -23.29 -40.50 0.03
N ILE D 36 -22.63 -39.58 0.76
CA ILE D 36 -22.95 -38.16 0.66
C ILE D 36 -22.58 -37.64 -0.73
N ASP D 37 -23.51 -36.92 -1.35
CA ASP D 37 -23.24 -36.29 -2.63
C ASP D 37 -22.22 -35.17 -2.45
N PRO D 38 -21.31 -34.97 -3.41
CA PRO D 38 -20.29 -33.93 -3.25
C PRO D 38 -20.87 -32.53 -3.34
N VAL D 39 -20.10 -31.56 -2.84
CA VAL D 39 -20.51 -30.16 -2.83
C VAL D 39 -20.39 -29.51 -4.20
N GLY D 40 -19.75 -30.15 -5.15
CA GLY D 40 -19.56 -29.56 -6.45
C GLY D 40 -18.48 -28.50 -6.45
N ARG D 41 -18.51 -27.67 -7.49
CA ARG D 41 -17.52 -26.63 -7.69
C ARG D 41 -17.96 -25.37 -6.94
N ILE D 42 -17.22 -25.02 -5.89
CA ILE D 42 -17.50 -23.81 -5.12
C ILE D 42 -16.66 -22.69 -5.70
N GLN D 43 -17.30 -21.77 -6.41
CA GLN D 43 -16.63 -20.62 -7.02
C GLN D 43 -16.99 -19.38 -6.22
N MET D 44 -16.08 -18.95 -5.35
CA MET D 44 -16.27 -17.72 -4.61
C MET D 44 -15.72 -16.53 -5.40
N ARG D 45 -16.18 -15.34 -5.03
CA ARG D 45 -15.90 -14.13 -5.79
C ARG D 45 -15.49 -13.02 -4.84
N THR D 46 -14.41 -12.32 -5.20
CA THR D 46 -14.01 -11.11 -4.49
C THR D 46 -15.07 -10.04 -4.60
N ARG D 47 -15.50 -9.50 -3.46
CA ARG D 47 -16.46 -8.42 -3.43
C ARG D 47 -15.89 -7.13 -2.89
N ARG D 48 -14.97 -7.19 -1.93
CA ARG D 48 -14.36 -6.00 -1.36
C ARG D 48 -12.85 -6.22 -1.24
N THR D 49 -12.09 -5.17 -1.51
CA THR D 49 -10.65 -5.18 -1.36
C THR D 49 -10.24 -4.01 -0.48
N LEU D 50 -9.52 -4.29 0.60
CA LEU D 50 -9.16 -3.28 1.59
C LEU D 50 -7.72 -2.85 1.37
N ARG D 51 -7.50 -1.53 1.28
CA ARG D 51 -6.22 -0.97 0.87
C ARG D 51 -5.82 0.13 1.84
N GLY D 52 -4.53 0.21 2.13
CA GLY D 52 -4.03 1.18 3.08
C GLY D 52 -2.84 0.70 3.88
N HIS D 53 -2.69 -0.62 4.02
CA HIS D 53 -1.46 -1.17 4.56
C HIS D 53 -0.32 -1.02 3.56
N LEU D 54 0.89 -0.87 4.09
CA LEU D 54 2.07 -0.71 3.25
C LEU D 54 3.07 -1.85 3.39
N ALA D 55 3.22 -2.42 4.57
CA ALA D 55 4.08 -3.56 4.80
C ALA D 55 3.25 -4.84 4.85
N LYS D 56 3.92 -5.95 5.15
CA LYS D 56 3.28 -7.26 5.21
C LYS D 56 2.22 -7.33 6.32
N ILE D 57 1.05 -7.86 5.97
CA ILE D 57 -0.04 -8.05 6.92
C ILE D 57 0.09 -9.44 7.51
N TYR D 58 0.07 -9.54 8.84
CA TYR D 58 0.30 -10.82 9.51
C TYR D 58 -0.92 -11.43 10.17
N ALA D 59 -1.91 -10.64 10.59
CA ALA D 59 -3.02 -11.22 11.32
C ALA D 59 -4.29 -10.41 11.07
N MET D 60 -5.43 -11.08 11.23
CA MET D 60 -6.71 -10.42 11.19
C MET D 60 -7.73 -11.20 12.01
N HIS D 61 -8.67 -10.47 12.61
CA HIS D 61 -9.71 -11.09 13.41
C HIS D 61 -11.04 -10.40 13.13
N TRP D 62 -12.10 -11.19 13.01
CA TRP D 62 -13.44 -10.67 12.82
C TRP D 62 -14.11 -10.34 14.16
N GLY D 63 -15.01 -9.36 14.11
CA GLY D 63 -15.87 -9.11 15.24
C GLY D 63 -17.09 -10.01 15.28
N THR D 64 -17.83 -9.91 16.38
CA THR D 64 -19.02 -10.73 16.55
C THR D 64 -20.24 -10.20 15.81
N ASP D 65 -20.16 -9.00 15.26
CA ASP D 65 -21.24 -8.47 14.42
C ASP D 65 -20.98 -8.68 12.94
N SER D 66 -19.88 -9.37 12.59
CA SER D 66 -19.48 -9.75 11.23
C SER D 66 -19.29 -8.55 10.32
N ARG D 67 -18.99 -7.38 10.89
CA ARG D 67 -18.82 -6.17 10.10
C ARG D 67 -17.50 -5.45 10.33
N LEU D 68 -16.85 -5.64 11.49
CA LEU D 68 -15.63 -4.93 11.82
C LEU D 68 -14.42 -5.86 11.75
N LEU D 69 -13.31 -5.32 11.24
CA LEU D 69 -12.07 -6.08 11.06
C LEU D 69 -10.90 -5.38 11.75
N VAL D 70 -10.17 -6.11 12.57
CA VAL D 70 -8.86 -5.64 13.05
C VAL D 70 -7.80 -6.29 12.17
N SER D 71 -6.88 -5.48 11.64
CA SER D 71 -5.79 -5.97 10.82
C SER D 71 -4.47 -5.43 11.36
N ALA D 72 -3.46 -6.31 11.40
CA ALA D 72 -2.14 -6.01 11.94
C ALA D 72 -1.08 -6.16 10.85
N SER D 73 -0.18 -5.19 10.77
CA SER D 73 0.89 -5.20 9.79
C SER D 73 2.21 -4.78 10.43
N GLN D 74 3.28 -4.89 9.64
CA GLN D 74 4.62 -4.47 10.04
C GLN D 74 4.82 -2.96 9.99
N ASP D 75 3.82 -2.19 9.57
CA ASP D 75 3.91 -0.74 9.65
C ASP D 75 3.88 -0.21 11.07
N GLY D 76 3.53 -1.05 12.05
CA GLY D 76 3.39 -0.59 13.41
C GLY D 76 2.07 0.08 13.67
N LYS D 77 1.01 -0.34 12.98
CA LYS D 77 -0.33 0.18 13.18
C LYS D 77 -1.36 -0.94 13.04
N LEU D 78 -2.36 -0.89 13.91
CA LEU D 78 -3.57 -1.70 13.77
C LEU D 78 -4.62 -0.87 13.06
N ILE D 79 -5.35 -1.50 12.14
CA ILE D 79 -6.43 -0.81 11.44
C ILE D 79 -7.74 -1.54 11.68
N ILE D 80 -8.73 -0.82 12.19
CA ILE D 80 -10.09 -1.34 12.34
C ILE D 80 -10.92 -0.83 11.17
N TRP D 81 -11.38 -1.78 10.36
CA TRP D 81 -12.11 -1.61 9.12
C TRP D 81 -13.60 -1.83 9.32
N ASP D 82 -14.38 -1.13 8.51
CA ASP D 82 -15.79 -1.42 8.28
C ASP D 82 -15.89 -2.22 6.99
N SER D 83 -16.37 -3.46 7.08
CA SER D 83 -16.36 -4.34 5.92
C SER D 83 -17.44 -4.00 4.90
N TYR D 84 -18.58 -3.47 5.35
CA TYR D 84 -19.68 -3.22 4.42
C TYR D 84 -19.49 -1.95 3.61
N THR D 85 -18.65 -1.02 4.08
CA THR D 85 -18.46 0.26 3.41
C THR D 85 -17.03 0.49 2.94
N THR D 86 -16.07 -0.36 3.32
CA THR D 86 -14.62 -0.30 3.12
C THR D 86 -13.96 0.86 3.86
N ASN D 87 -14.70 1.61 4.68
CA ASN D 87 -14.15 2.72 5.43
C ASN D 87 -13.24 2.24 6.55
N LYS D 88 -12.27 3.06 6.89
CA LYS D 88 -11.42 2.80 8.04
C LYS D 88 -12.05 3.45 9.26
N VAL D 89 -12.25 2.66 10.30
CA VAL D 89 -12.85 3.19 11.53
C VAL D 89 -11.77 3.67 12.49
N HIS D 90 -10.73 2.88 12.68
CA HIS D 90 -9.65 3.29 13.57
C HIS D 90 -8.30 2.96 12.97
N ALA D 91 -7.31 3.78 13.33
CA ALA D 91 -5.90 3.51 13.06
C ALA D 91 -5.15 3.73 14.37
N ILE D 92 -4.56 2.67 14.90
CA ILE D 92 -3.93 2.67 16.22
C ILE D 92 -2.42 2.54 16.01
N PRO D 93 -1.63 3.54 16.38
CA PRO D 93 -0.18 3.38 16.29
C PRO D 93 0.33 2.46 17.41
N LEU D 94 1.33 1.66 17.07
CA LEU D 94 1.85 0.65 17.97
C LEU D 94 3.22 1.08 18.48
N ARG D 95 3.55 0.64 19.70
CA ARG D 95 4.84 0.96 20.27
C ARG D 95 5.96 0.08 19.71
N SER D 96 5.60 -1.02 19.06
CA SER D 96 6.57 -1.90 18.41
C SER D 96 5.93 -2.42 17.13
N SER D 97 6.71 -2.39 16.05
CA SER D 97 6.19 -2.74 14.74
C SER D 97 6.24 -4.24 14.47
N TRP D 98 6.80 -5.03 15.39
CA TRP D 98 7.03 -6.46 15.14
C TRP D 98 5.88 -7.29 15.70
N VAL D 99 4.67 -6.97 15.22
CA VAL D 99 3.43 -7.53 15.72
C VAL D 99 3.01 -8.68 14.82
N MET D 100 2.74 -9.83 15.42
CA MET D 100 2.39 -11.04 14.68
C MET D 100 0.99 -11.56 14.97
N THR D 101 0.25 -10.94 15.88
CA THR D 101 -1.08 -11.43 16.21
C THR D 101 -1.96 -10.25 16.63
N CYS D 102 -3.27 -10.45 16.47
CA CYS D 102 -4.25 -9.47 16.90
C CYS D 102 -5.57 -10.18 17.16
N ALA D 103 -6.35 -9.63 18.10
CA ALA D 103 -7.66 -10.18 18.42
C ALA D 103 -8.62 -9.05 18.72
N TYR D 104 -9.90 -9.32 18.50
CA TYR D 104 -10.98 -8.38 18.76
C TYR D 104 -11.86 -8.97 19.85
N ALA D 105 -12.30 -8.13 20.77
CA ALA D 105 -13.12 -8.59 21.88
C ALA D 105 -14.50 -9.03 21.40
N PRO D 106 -15.09 -10.04 22.04
CA PRO D 106 -16.47 -10.40 21.71
C PRO D 106 -17.48 -9.31 22.05
N SER D 107 -17.23 -8.54 23.11
CA SER D 107 -18.05 -7.35 23.37
C SER D 107 -17.76 -6.26 22.35
N GLY D 108 -16.52 -6.16 21.88
CA GLY D 108 -16.12 -5.14 20.95
C GLY D 108 -15.48 -3.92 21.56
N ASN D 109 -15.10 -3.98 22.84
CA ASN D 109 -14.58 -2.83 23.55
C ASN D 109 -13.06 -2.75 23.55
N TYR D 110 -12.37 -3.86 23.26
CA TYR D 110 -10.93 -3.95 23.43
C TYR D 110 -10.31 -4.64 22.23
N VAL D 111 -9.07 -4.27 21.93
CA VAL D 111 -8.26 -4.93 20.89
C VAL D 111 -6.88 -5.20 21.46
N ALA D 112 -6.41 -6.44 21.33
CA ALA D 112 -5.07 -6.79 21.81
C ALA D 112 -4.14 -7.09 20.64
N CYS D 113 -2.85 -6.92 20.91
CA CYS D 113 -1.82 -7.17 19.91
C CYS D 113 -0.54 -7.59 20.62
N GLY D 114 0.35 -8.23 19.88
CA GLY D 114 1.63 -8.62 20.45
C GLY D 114 2.56 -9.16 19.39
N GLY D 115 3.77 -9.49 19.81
CA GLY D 115 4.74 -10.04 18.89
C GLY D 115 6.13 -10.27 19.47
N LEU D 116 7.14 -9.79 18.76
CA LEU D 116 8.54 -10.03 19.16
C LEU D 116 8.96 -9.23 20.38
N ASP D 117 8.17 -8.24 20.81
CA ASP D 117 8.47 -7.46 21.99
C ASP D 117 8.19 -8.22 23.29
N ASN D 118 7.56 -9.39 23.20
CA ASN D 118 7.22 -10.29 24.30
C ASN D 118 6.24 -9.65 25.28
N ILE D 119 5.45 -8.70 24.79
CA ILE D 119 4.50 -7.93 25.59
C ILE D 119 3.17 -7.95 24.85
N CYS D 120 2.09 -8.24 25.57
CA CYS D 120 0.76 -8.26 24.99
C CYS D 120 0.04 -6.98 25.40
N SER D 121 -0.28 -6.13 24.43
CA SER D 121 -0.80 -4.81 24.71
C SER D 121 -2.27 -4.79 24.38
N ILE D 122 -3.08 -4.33 25.33
CA ILE D 122 -4.53 -4.33 25.25
C ILE D 122 -5.00 -2.89 25.22
N TYR D 123 -5.84 -2.57 24.23
CA TYR D 123 -6.25 -1.23 23.85
C TYR D 123 -7.74 -1.07 24.09
N ASN D 124 -8.10 0.02 24.76
CA ASN D 124 -9.50 0.34 25.04
C ASN D 124 -10.03 1.20 23.90
N LEU D 125 -11.05 0.71 23.19
CA LEU D 125 -11.62 1.44 22.07
C LEU D 125 -12.69 2.43 22.52
N LYS D 126 -13.52 2.05 23.49
CA LYS D 126 -14.60 2.91 23.97
C LYS D 126 -14.06 3.81 25.07
N THR D 127 -13.92 5.09 24.77
CA THR D 127 -13.34 6.06 25.69
C THR D 127 -14.20 7.32 25.63
N ARG D 128 -14.19 8.10 26.70
CA ARG D 128 -14.77 9.45 26.71
C ARG D 128 -13.82 10.50 26.15
N GLU D 129 -12.85 10.07 25.36
CA GLU D 129 -11.88 10.89 24.66
C GLU D 129 -11.70 10.26 23.29
N GLY D 130 -11.45 11.07 22.28
CA GLY D 130 -11.37 10.54 20.93
C GLY D 130 -10.05 9.91 20.53
N ASN D 131 -9.45 9.14 21.43
CA ASN D 131 -8.22 8.41 21.13
C ASN D 131 -8.27 7.03 21.75
N VAL D 132 -7.93 6.02 20.95
CA VAL D 132 -7.71 4.69 21.48
C VAL D 132 -6.45 4.69 22.33
N ARG D 133 -6.56 4.20 23.57
CA ARG D 133 -5.50 4.30 24.54
C ARG D 133 -5.04 2.90 24.93
N VAL D 134 -3.77 2.79 25.32
CA VAL D 134 -3.23 1.52 25.81
C VAL D 134 -3.85 1.27 27.19
N SER D 135 -4.65 0.22 27.30
CA SER D 135 -5.25 -0.06 28.61
C SER D 135 -4.28 -0.81 29.50
N ARG D 136 -3.69 -1.91 29.01
CA ARG D 136 -2.77 -2.69 29.83
C ARG D 136 -1.71 -3.36 28.99
N GLU D 137 -0.46 -3.33 29.46
CA GLU D 137 0.62 -4.10 28.87
C GLU D 137 0.92 -5.30 29.77
N LEU D 138 0.81 -6.50 29.20
CA LEU D 138 1.05 -7.75 29.91
C LEU D 138 2.44 -8.26 29.57
N ALA D 139 3.17 -8.69 30.59
CA ALA D 139 4.54 -9.14 30.44
C ALA D 139 4.78 -10.35 31.33
N GLY D 140 5.74 -11.18 30.92
CA GLY D 140 6.07 -12.39 31.65
C GLY D 140 6.49 -13.54 30.76
N HIS D 141 6.10 -13.48 29.49
CA HIS D 141 6.65 -14.41 28.50
C HIS D 141 8.08 -14.00 28.13
N THR D 142 8.90 -15.00 27.84
CA THR D 142 10.25 -14.75 27.35
C THR D 142 10.36 -14.90 25.84
N GLY D 143 9.60 -15.81 25.25
CA GLY D 143 9.56 -15.96 23.81
C GLY D 143 8.53 -15.05 23.16
N TYR D 144 8.62 -15.00 21.82
CA TYR D 144 7.73 -14.18 21.01
C TYR D 144 6.29 -14.67 21.06
N LEU D 145 5.35 -13.73 21.16
CA LEU D 145 3.93 -14.06 21.26
C LEU D 145 3.38 -14.45 19.89
N SER D 146 2.76 -15.61 19.81
CA SER D 146 2.26 -16.13 18.54
C SER D 146 0.78 -15.87 18.32
N CYS D 147 -0.06 -16.11 19.33
CA CYS D 147 -1.49 -15.91 19.18
C CYS D 147 -2.08 -15.45 20.51
N CYS D 148 -3.06 -14.55 20.42
CA CYS D 148 -3.79 -14.05 21.58
C CYS D 148 -5.29 -14.18 21.31
N ARG D 149 -6.03 -14.70 22.30
CA ARG D 149 -7.48 -14.84 22.20
C ARG D 149 -8.14 -14.44 23.51
N PHE D 150 -9.36 -13.93 23.40
CA PHE D 150 -10.14 -13.45 24.54
C PHE D 150 -11.21 -14.46 24.93
N LEU D 151 -11.15 -14.95 26.17
CA LEU D 151 -12.29 -15.71 26.70
C LEU D 151 -13.48 -14.79 26.92
N ASP D 152 -13.22 -13.59 27.43
CA ASP D 152 -14.20 -12.53 27.68
C ASP D 152 -13.40 -11.24 27.83
N ASP D 153 -14.06 -10.20 28.34
CA ASP D 153 -13.41 -8.89 28.48
C ASP D 153 -12.21 -8.92 29.42
N ASN D 154 -12.29 -9.67 30.51
CA ASN D 154 -11.26 -9.61 31.54
C ASN D 154 -10.21 -10.73 31.46
N GLN D 155 -10.34 -11.70 30.56
CA GLN D 155 -9.43 -12.84 30.51
C GLN D 155 -8.88 -13.05 29.11
N ILE D 156 -7.58 -13.29 29.02
CA ILE D 156 -6.88 -13.48 27.75
C ILE D 156 -6.12 -14.79 27.79
N VAL D 157 -6.24 -15.59 26.72
CA VAL D 157 -5.37 -16.74 26.53
C VAL D 157 -4.27 -16.31 25.57
N THR D 158 -3.02 -16.42 26.00
CA THR D 158 -1.87 -15.93 25.24
C THR D 158 -0.84 -17.03 25.13
N SER D 159 -0.48 -17.40 23.91
CA SER D 159 0.58 -18.38 23.67
C SER D 159 1.79 -17.75 23.02
N SER D 160 2.96 -18.33 23.30
CA SER D 160 4.21 -17.74 22.88
C SER D 160 5.22 -18.83 22.57
N GLY D 161 6.41 -18.40 22.14
CA GLY D 161 7.53 -19.24 21.79
C GLY D 161 8.40 -19.70 22.94
N ASP D 162 7.98 -19.47 24.19
CA ASP D 162 8.66 -20.03 25.33
C ASP D 162 8.09 -21.38 25.76
N THR D 163 7.31 -22.02 24.87
CA THR D 163 6.64 -23.32 24.96
C THR D 163 5.42 -23.31 25.89
N THR D 164 5.09 -22.19 26.51
CA THR D 164 4.03 -22.13 27.50
C THR D 164 2.79 -21.42 26.95
N CYS D 165 1.72 -21.43 27.75
CA CYS D 165 0.49 -20.70 27.43
C CYS D 165 -0.04 -20.08 28.73
N ALA D 166 -0.37 -18.80 28.70
CA ALA D 166 -0.76 -18.10 29.92
C ALA D 166 -2.20 -17.60 29.83
N LEU D 167 -2.98 -17.86 30.88
CA LEU D 167 -4.25 -17.16 31.09
C LEU D 167 -3.99 -15.91 31.91
N TRP D 168 -4.51 -14.78 31.43
CA TRP D 168 -4.24 -13.47 32.01
C TRP D 168 -5.53 -12.80 32.47
N ASP D 169 -5.42 -12.05 33.56
CA ASP D 169 -6.45 -11.20 34.11
C ASP D 169 -6.01 -9.75 33.92
N ILE D 170 -6.84 -8.95 33.24
CA ILE D 170 -6.48 -7.57 32.90
C ILE D 170 -6.34 -6.70 34.14
N GLU D 171 -7.29 -6.80 35.08
CA GLU D 171 -7.33 -5.92 36.24
C GLU D 171 -6.11 -6.10 37.14
N THR D 172 -5.77 -7.35 37.46
CA THR D 172 -4.56 -7.60 38.22
C THR D 172 -3.31 -7.40 37.38
N GLY D 173 -3.37 -7.79 36.11
CA GLY D 173 -2.21 -7.73 35.24
C GLY D 173 -1.23 -8.87 35.47
N GLN D 174 -1.63 -9.89 36.20
CA GLN D 174 -0.78 -11.03 36.54
C GLN D 174 -1.39 -12.29 35.95
N GLN D 175 -0.55 -13.15 35.41
CA GLN D 175 -1.03 -14.41 34.85
C GLN D 175 -1.54 -15.32 35.96
N THR D 176 -2.75 -15.84 35.76
CA THR D 176 -3.37 -16.70 36.76
C THR D 176 -2.97 -18.16 36.60
N THR D 177 -2.98 -18.65 35.37
CA THR D 177 -2.70 -20.06 35.11
C THR D 177 -1.64 -20.14 34.01
N THR D 178 -0.67 -21.03 34.21
CA THR D 178 0.37 -21.29 33.22
C THR D 178 0.24 -22.73 32.78
N PHE D 179 0.10 -22.93 31.48
CA PHE D 179 -0.05 -24.23 30.86
C PHE D 179 1.31 -24.60 30.29
N THR D 180 1.84 -25.74 30.73
CA THR D 180 3.16 -26.20 30.34
C THR D 180 3.08 -27.66 29.92
N GLY D 181 4.06 -28.09 29.14
CA GLY D 181 4.10 -29.45 28.66
C GLY D 181 4.49 -29.56 27.20
N HIS D 182 4.43 -28.45 26.48
CA HIS D 182 4.93 -28.44 25.10
C HIS D 182 6.45 -28.50 25.11
N THR D 183 7.00 -29.23 24.15
CA THR D 183 8.45 -29.35 24.00
C THR D 183 8.97 -28.54 22.83
N GLY D 184 8.12 -27.69 22.24
CA GLY D 184 8.51 -26.86 21.12
C GLY D 184 7.71 -25.57 21.15
N ASP D 185 8.11 -24.65 20.28
CA ASP D 185 7.48 -23.34 20.20
C ASP D 185 6.02 -23.46 19.77
N VAL D 186 5.14 -22.73 20.45
CA VAL D 186 3.72 -22.77 20.19
C VAL D 186 3.37 -21.72 19.15
N MET D 187 2.71 -22.13 18.07
CA MET D 187 2.39 -21.24 16.96
C MET D 187 0.94 -20.75 16.94
N SER D 188 -0.04 -21.58 17.27
CA SER D 188 -1.43 -21.19 17.09
C SER D 188 -2.32 -21.66 18.24
N LEU D 189 -3.43 -20.95 18.41
CA LEU D 189 -4.47 -21.25 19.39
C LEU D 189 -5.84 -21.27 18.72
N SER D 190 -6.64 -22.26 19.07
CA SER D 190 -8.04 -22.30 18.68
C SER D 190 -8.86 -22.39 19.95
N LEU D 191 -9.90 -21.56 20.04
CA LEU D 191 -10.70 -21.44 21.25
C LEU D 191 -12.07 -22.09 21.02
N ALA D 192 -12.52 -22.88 21.99
CA ALA D 192 -13.78 -23.59 21.87
C ALA D 192 -14.96 -22.63 21.93
N PRO D 193 -16.10 -23.00 21.34
CA PRO D 193 -17.29 -22.12 21.43
C PRO D 193 -17.81 -21.91 22.84
N ASP D 194 -17.73 -22.91 23.71
CA ASP D 194 -18.20 -22.76 25.08
C ASP D 194 -17.19 -22.11 26.01
N THR D 195 -15.99 -21.79 25.50
CA THR D 195 -14.90 -21.10 26.21
C THR D 195 -14.46 -21.85 27.47
N ARG D 196 -14.53 -23.18 27.44
CA ARG D 196 -14.04 -24.01 28.53
C ARG D 196 -12.82 -24.82 28.15
N LEU D 197 -12.45 -24.87 26.88
CA LEU D 197 -11.33 -25.65 26.39
C LEU D 197 -10.59 -24.86 25.32
N PHE D 198 -9.29 -25.12 25.19
CA PHE D 198 -8.58 -24.59 24.03
C PHE D 198 -7.54 -25.60 23.58
N VAL D 199 -7.27 -25.63 22.28
CA VAL D 199 -6.29 -26.55 21.71
C VAL D 199 -5.11 -25.72 21.21
N SER D 200 -3.91 -26.19 21.51
CA SER D 200 -2.67 -25.50 21.23
C SER D 200 -1.85 -26.30 20.22
N GLY D 201 -1.39 -25.62 19.18
CA GLY D 201 -0.55 -26.22 18.16
C GLY D 201 0.87 -25.70 18.28
N ALA D 202 1.83 -26.63 18.31
CA ALA D 202 3.22 -26.27 18.53
C ALA D 202 4.13 -26.90 17.49
N CYS D 203 5.37 -26.40 17.48
CA CYS D 203 6.40 -26.86 16.54
C CYS D 203 6.75 -28.33 16.72
N ASP D 204 6.63 -28.86 17.94
CA ASP D 204 6.95 -30.28 18.17
C ASP D 204 5.91 -31.29 17.52
N ALA D 205 5.01 -30.82 16.65
CA ALA D 205 4.04 -31.60 15.87
C ALA D 205 3.00 -32.28 16.76
N SER D 206 2.81 -31.77 17.97
CA SER D 206 1.78 -32.28 18.87
C SER D 206 0.78 -31.17 19.14
N ALA D 207 -0.50 -31.49 19.01
CA ALA D 207 -1.57 -30.55 19.32
C ALA D 207 -2.21 -30.98 20.62
N LYS D 208 -2.23 -30.09 21.60
CA LYS D 208 -2.69 -30.46 22.95
C LYS D 208 -4.00 -29.78 23.27
N LEU D 209 -4.94 -30.55 23.80
CA LEU D 209 -6.20 -30.02 24.31
C LEU D 209 -6.08 -29.74 25.80
N TRP D 210 -6.35 -28.48 26.17
CA TRP D 210 -6.19 -27.93 27.51
C TRP D 210 -7.54 -27.53 28.07
N ASP D 211 -7.70 -27.72 29.38
CA ASP D 211 -8.87 -27.26 30.13
C ASP D 211 -8.48 -25.96 30.84
N VAL D 212 -9.19 -24.88 30.53
CA VAL D 212 -8.81 -23.56 31.03
C VAL D 212 -9.10 -23.42 32.53
N ARG D 213 -10.20 -24.00 33.02
CA ARG D 213 -10.56 -23.87 34.43
C ARG D 213 -9.62 -24.68 35.31
N GLU D 214 -9.38 -25.94 34.95
CA GLU D 214 -8.56 -26.82 35.78
C GLU D 214 -7.09 -26.44 35.68
N GLY D 215 -6.62 -26.08 34.49
CA GLY D 215 -5.23 -25.74 34.30
C GLY D 215 -4.33 -26.90 33.94
N MET D 216 -4.87 -28.07 33.68
CA MET D 216 -4.07 -29.25 33.36
C MET D 216 -4.33 -29.70 31.93
N CYS D 217 -3.29 -30.27 31.31
CA CYS D 217 -3.41 -30.85 29.98
C CYS D 217 -4.26 -32.10 30.05
N ARG D 218 -5.31 -32.17 29.24
CA ARG D 218 -6.14 -33.36 29.23
C ARG D 218 -5.98 -34.22 27.98
N GLN D 219 -5.46 -33.69 26.87
CA GLN D 219 -5.37 -34.56 25.70
C GLN D 219 -4.20 -34.14 24.81
N THR D 220 -3.58 -35.11 24.14
CA THR D 220 -2.44 -34.86 23.27
C THR D 220 -2.62 -35.58 21.95
N PHE D 221 -2.25 -34.90 20.85
CA PHE D 221 -2.42 -35.40 19.49
C PHE D 221 -1.09 -35.31 18.75
N THR D 222 -0.90 -36.23 17.80
CA THR D 222 0.33 -36.38 17.02
C THR D 222 -0.04 -36.81 15.61
N GLY D 223 0.97 -37.11 14.80
CA GLY D 223 0.76 -37.51 13.42
C GLY D 223 1.21 -36.53 12.35
N HIS D 224 1.95 -35.49 12.71
CA HIS D 224 2.47 -34.51 11.77
C HIS D 224 3.99 -34.68 11.63
N GLU D 225 4.46 -34.73 10.39
CA GLU D 225 5.90 -34.76 10.17
C GLU D 225 6.55 -33.42 10.53
N SER D 226 5.89 -32.30 10.20
CA SER D 226 6.45 -30.97 10.43
C SER D 226 5.63 -30.17 11.44
N ASP D 227 6.07 -28.93 11.62
CA ASP D 227 5.52 -27.99 12.59
C ASP D 227 4.05 -27.65 12.30
N ILE D 228 3.29 -27.43 13.37
CA ILE D 228 1.87 -27.06 13.29
C ILE D 228 1.77 -25.54 13.24
N ASN D 229 1.39 -25.01 12.08
CA ASN D 229 1.26 -23.55 11.93
C ASN D 229 -0.08 -23.01 12.41
N ALA D 230 -1.20 -23.66 12.07
CA ALA D 230 -2.51 -23.10 12.37
C ALA D 230 -3.49 -24.20 12.78
N ILE D 231 -4.39 -23.87 13.69
CA ILE D 231 -5.36 -24.80 14.24
C ILE D 231 -6.73 -24.12 14.36
N CYS D 232 -7.80 -24.83 14.03
CA CYS D 232 -9.16 -24.30 14.11
C CYS D 232 -10.13 -25.33 14.65
N PHE D 233 -10.98 -24.92 15.60
CA PHE D 233 -12.06 -25.77 16.12
C PHE D 233 -13.22 -25.92 15.16
N PHE D 234 -13.82 -27.11 15.18
CA PHE D 234 -15.07 -27.36 14.47
C PHE D 234 -16.19 -26.64 15.24
N PRO D 235 -17.29 -26.26 14.57
CA PRO D 235 -18.36 -25.51 15.26
C PRO D 235 -19.00 -26.21 16.46
N ASN D 236 -19.22 -27.52 16.41
CA ASN D 236 -19.82 -28.20 17.58
C ASN D 236 -18.85 -28.26 18.76
N GLY D 237 -17.55 -28.29 18.49
CA GLY D 237 -16.55 -28.40 19.52
C GLY D 237 -16.02 -29.80 19.78
N ASN D 238 -16.35 -30.77 18.92
CA ASN D 238 -15.93 -32.15 19.10
C ASN D 238 -14.84 -32.58 18.14
N ALA D 239 -14.34 -31.67 17.31
CA ALA D 239 -13.28 -31.98 16.36
C ALA D 239 -12.50 -30.71 16.10
N PHE D 240 -11.32 -30.85 15.50
CA PHE D 240 -10.57 -29.68 15.08
C PHE D 240 -9.69 -30.00 13.88
N ALA D 241 -9.26 -28.96 13.18
CA ALA D 241 -8.40 -29.11 12.02
C ALA D 241 -7.03 -28.51 12.31
N THR D 242 -6.01 -29.11 11.72
CA THR D 242 -4.63 -28.78 12.00
C THR D 242 -3.86 -28.63 10.70
N GLY D 243 -3.18 -27.49 10.53
CA GLY D 243 -2.36 -27.22 9.36
C GLY D 243 -0.88 -27.22 9.67
N SER D 244 -0.08 -27.59 8.67
CA SER D 244 1.33 -27.84 8.90
C SER D 244 2.14 -27.44 7.68
N ASP D 245 3.46 -27.59 7.78
CA ASP D 245 4.37 -27.32 6.68
C ASP D 245 4.54 -28.52 5.75
N ASP D 246 3.79 -29.60 5.98
CA ASP D 246 3.83 -30.80 5.16
C ASP D 246 2.81 -30.78 4.03
N ALA D 247 2.20 -29.62 3.75
CA ALA D 247 1.12 -29.43 2.77
C ALA D 247 -0.10 -30.28 3.06
N THR D 248 -0.30 -30.70 4.32
CA THR D 248 -1.41 -31.56 4.70
C THR D 248 -2.20 -30.91 5.83
N CYS D 249 -3.53 -30.95 5.71
CA CYS D 249 -4.41 -30.63 6.81
C CYS D 249 -4.91 -31.92 7.42
N ARG D 250 -5.11 -31.92 8.73
CA ARG D 250 -5.62 -33.10 9.40
C ARG D 250 -6.81 -32.76 10.28
N LEU D 251 -7.89 -33.53 10.12
CA LEU D 251 -9.07 -33.42 10.96
C LEU D 251 -8.95 -34.45 12.07
N PHE D 252 -8.92 -33.97 13.31
CA PHE D 252 -8.71 -34.74 14.52
C PHE D 252 -9.99 -34.78 15.33
N ASP D 253 -10.24 -35.92 15.96
CA ASP D 253 -11.41 -36.14 16.80
C ASP D 253 -11.06 -35.87 18.25
N LEU D 254 -11.86 -35.01 18.90
CA LEU D 254 -11.63 -34.69 20.30
C LEU D 254 -12.07 -35.82 21.22
N ARG D 255 -13.08 -36.59 20.84
CA ARG D 255 -13.66 -37.57 21.74
C ARG D 255 -12.99 -38.94 21.66
N ALA D 256 -12.55 -39.36 20.47
CA ALA D 256 -11.93 -40.66 20.31
C ALA D 256 -10.41 -40.62 20.38
N ASP D 257 -9.81 -39.42 20.35
CA ASP D 257 -8.35 -39.20 20.35
C ASP D 257 -7.69 -39.90 19.17
N GLN D 258 -8.10 -39.50 17.97
CA GLN D 258 -7.65 -40.18 16.76
C GLN D 258 -7.68 -39.21 15.58
N GLU D 259 -6.81 -39.46 14.61
CA GLU D 259 -6.80 -38.74 13.36
C GLU D 259 -7.94 -39.24 12.48
N LEU D 260 -8.97 -38.41 12.30
CA LEU D 260 -10.08 -38.80 11.44
C LEU D 260 -9.69 -38.77 9.97
N MET D 261 -9.09 -37.67 9.52
CA MET D 261 -8.96 -37.52 8.07
C MET D 261 -7.75 -36.67 7.73
N THR D 262 -7.23 -36.87 6.52
CA THR D 262 -6.06 -36.15 6.01
C THR D 262 -6.40 -35.56 4.66
N TYR D 263 -6.12 -34.26 4.51
CA TYR D 263 -6.36 -33.51 3.28
C TYR D 263 -4.99 -33.22 2.68
N SER D 264 -4.73 -33.76 1.49
CA SER D 264 -3.43 -33.64 0.87
C SER D 264 -3.57 -33.79 -0.63
N HIS D 265 -2.64 -33.19 -1.37
CA HIS D 265 -2.61 -33.28 -2.81
C HIS D 265 -1.17 -33.44 -3.26
N ASP D 266 -0.98 -34.14 -4.38
CA ASP D 266 0.37 -34.43 -4.88
C ASP D 266 1.06 -33.17 -5.38
N ASN D 267 0.35 -32.33 -6.13
CA ASN D 267 0.95 -31.12 -6.69
C ASN D 267 1.26 -30.10 -5.61
N ILE D 268 0.42 -30.02 -4.58
CA ILE D 268 0.62 -29.07 -3.50
C ILE D 268 1.76 -29.57 -2.60
N ILE D 269 2.80 -28.76 -2.45
CA ILE D 269 3.97 -29.14 -1.67
C ILE D 269 4.34 -28.03 -0.68
N CYS D 270 3.71 -26.88 -0.81
CA CYS D 270 4.03 -25.74 0.03
C CYS D 270 3.25 -25.77 1.33
N GLY D 271 3.74 -25.02 2.31
CA GLY D 271 3.18 -25.03 3.64
C GLY D 271 1.82 -24.33 3.74
N ILE D 272 1.28 -24.35 4.96
CA ILE D 272 -0.07 -23.89 5.26
C ILE D 272 0.05 -22.83 6.34
N THR D 273 -0.59 -21.68 6.14
CA THR D 273 -0.49 -20.61 7.13
C THR D 273 -1.76 -20.43 7.96
N SER D 274 -2.94 -20.59 7.37
CA SER D 274 -4.20 -20.38 8.08
C SER D 274 -5.16 -21.50 7.78
N VAL D 275 -6.00 -21.83 8.77
CA VAL D 275 -7.03 -22.86 8.66
C VAL D 275 -8.32 -22.28 9.24
N SER D 276 -9.43 -22.43 8.51
CA SER D 276 -10.74 -21.98 9.00
C SER D 276 -11.83 -22.89 8.45
N PHE D 277 -12.98 -22.86 9.12
CA PHE D 277 -14.16 -23.63 8.76
C PHE D 277 -15.31 -22.72 8.35
N SER D 278 -16.26 -23.32 7.65
CA SER D 278 -17.53 -22.68 7.38
C SER D 278 -18.43 -22.78 8.61
N LYS D 279 -19.61 -22.15 8.54
CA LYS D 279 -20.55 -22.18 9.65
C LYS D 279 -21.13 -23.58 9.84
N SER D 280 -21.49 -24.25 8.75
CA SER D 280 -21.99 -25.62 8.85
C SER D 280 -20.87 -26.60 9.19
N GLY D 281 -19.66 -26.35 8.71
CA GLY D 281 -18.55 -27.25 8.90
C GLY D 281 -18.27 -28.16 7.73
N ARG D 282 -18.85 -27.90 6.56
CA ARG D 282 -18.67 -28.74 5.39
C ARG D 282 -17.47 -28.29 4.55
N LEU D 283 -17.11 -27.02 4.60
CA LEU D 283 -15.99 -26.49 3.82
C LEU D 283 -14.86 -26.11 4.76
N LEU D 284 -13.68 -26.69 4.54
CA LEU D 284 -12.47 -26.33 5.25
C LEU D 284 -11.62 -25.43 4.35
N LEU D 285 -11.25 -24.26 4.86
CA LEU D 285 -10.56 -23.26 4.05
C LEU D 285 -9.14 -23.11 4.56
N ALA D 286 -8.16 -23.33 3.67
CA ALA D 286 -6.76 -23.29 4.06
C ALA D 286 -5.96 -22.41 3.11
N GLY D 287 -5.17 -21.50 3.67
CA GLY D 287 -4.34 -20.61 2.88
C GLY D 287 -2.90 -21.09 2.73
N TYR D 288 -2.49 -21.41 1.51
CA TYR D 288 -1.19 -22.04 1.32
C TYR D 288 -0.12 -21.02 0.98
N ASP D 289 1.08 -21.52 0.67
CA ASP D 289 2.23 -20.67 0.35
C ASP D 289 2.50 -20.58 -1.14
N ASP D 290 1.71 -21.25 -1.98
CA ASP D 290 1.74 -21.02 -3.43
C ASP D 290 0.74 -19.96 -3.85
N PHE D 291 0.47 -19.01 -2.95
CA PHE D 291 -0.20 -17.73 -3.16
C PHE D 291 -1.71 -17.85 -3.33
N ASN D 292 -2.33 -18.95 -2.88
CA ASN D 292 -3.76 -19.08 -3.02
C ASN D 292 -4.34 -19.84 -1.84
N CYS D 293 -5.68 -19.81 -1.74
CA CYS D 293 -6.43 -20.52 -0.73
C CYS D 293 -7.21 -21.65 -1.39
N ASN D 294 -7.28 -22.79 -0.72
CA ASN D 294 -8.05 -23.91 -1.20
C ASN D 294 -9.21 -24.21 -0.26
N VAL D 295 -10.38 -24.43 -0.85
CA VAL D 295 -11.58 -24.85 -0.15
C VAL D 295 -11.73 -26.35 -0.38
N TRP D 296 -11.68 -27.09 0.72
CA TRP D 296 -11.71 -28.55 0.74
C TRP D 296 -13.07 -29.01 1.25
N ASP D 297 -13.61 -30.05 0.63
CA ASP D 297 -14.74 -30.74 1.20
C ASP D 297 -14.27 -31.44 2.47
N ALA D 298 -14.90 -31.11 3.61
CA ALA D 298 -14.42 -31.61 4.90
C ALA D 298 -14.68 -33.10 5.07
N LEU D 299 -15.73 -33.63 4.45
CA LEU D 299 -16.14 -35.00 4.69
C LEU D 299 -15.79 -35.94 3.54
N LYS D 300 -15.19 -35.44 2.46
CA LYS D 300 -14.85 -36.27 1.31
C LYS D 300 -13.44 -36.06 0.78
N ALA D 301 -12.69 -35.07 1.29
CA ALA D 301 -11.31 -34.70 0.98
C ALA D 301 -11.12 -34.14 -0.42
N ASP D 302 -12.16 -33.99 -1.22
CA ASP D 302 -12.02 -33.37 -2.53
C ASP D 302 -11.75 -31.88 -2.41
N ARG D 303 -11.03 -31.35 -3.40
CA ARG D 303 -10.81 -29.91 -3.49
C ARG D 303 -12.09 -29.28 -4.05
N ALA D 304 -12.82 -28.55 -3.21
CA ALA D 304 -14.07 -27.96 -3.66
C ALA D 304 -13.84 -26.71 -4.50
N GLY D 305 -12.76 -25.99 -4.27
CA GLY D 305 -12.53 -24.78 -5.05
C GLY D 305 -11.22 -24.11 -4.71
N VAL D 306 -10.85 -23.14 -5.56
CA VAL D 306 -9.60 -22.40 -5.43
C VAL D 306 -9.94 -20.91 -5.40
N LEU D 307 -9.46 -20.22 -4.37
CA LEU D 307 -9.54 -18.77 -4.28
C LEU D 307 -8.16 -18.20 -4.55
N ALA D 308 -8.07 -17.23 -5.46
CA ALA D 308 -6.79 -16.71 -5.87
C ALA D 308 -6.92 -15.25 -6.25
N GLY D 309 -5.78 -14.57 -6.31
CA GLY D 309 -5.76 -13.15 -6.59
C GLY D 309 -4.81 -12.38 -5.71
N HIS D 310 -4.10 -13.08 -4.83
CA HIS D 310 -3.00 -12.48 -4.09
C HIS D 310 -1.68 -12.72 -4.81
N ASP D 311 -0.76 -11.76 -4.67
CA ASP D 311 0.52 -11.80 -5.34
C ASP D 311 1.65 -12.26 -4.43
N ASN D 312 1.35 -12.63 -3.18
CA ASN D 312 2.38 -13.06 -2.25
C ASN D 312 1.71 -14.02 -1.26
N ARG D 313 2.51 -14.53 -0.32
CA ARG D 313 2.14 -15.54 0.66
C ARG D 313 0.88 -15.19 1.43
N VAL D 314 -0.14 -16.04 1.32
CA VAL D 314 -1.36 -15.87 2.09
C VAL D 314 -1.07 -16.15 3.56
N SER D 315 -1.47 -15.24 4.43
CA SER D 315 -1.11 -15.31 5.83
C SER D 315 -2.27 -15.61 6.77
N CYS D 316 -3.48 -15.17 6.45
CA CYS D 316 -4.54 -15.24 7.44
C CYS D 316 -5.91 -15.31 6.79
N LEU D 317 -6.79 -16.13 7.38
CA LEU D 317 -8.14 -16.40 6.90
C LEU D 317 -9.13 -16.24 8.04
N GLY D 318 -10.03 -15.29 7.93
CA GLY D 318 -11.17 -15.18 8.83
C GLY D 318 -12.46 -15.55 8.12
N VAL D 319 -13.33 -16.25 8.83
CA VAL D 319 -14.69 -16.52 8.38
C VAL D 319 -15.64 -15.85 9.36
N THR D 320 -16.62 -15.12 8.83
CA THR D 320 -17.57 -14.41 9.67
C THR D 320 -18.41 -15.36 10.51
N ASP D 321 -18.91 -14.85 11.64
CA ASP D 321 -19.68 -15.67 12.57
C ASP D 321 -21.03 -16.06 11.98
N ASP D 322 -21.61 -15.23 11.13
CA ASP D 322 -22.84 -15.59 10.43
C ASP D 322 -22.57 -16.30 9.11
N GLY D 323 -21.31 -16.43 8.71
CA GLY D 323 -20.96 -17.22 7.54
C GLY D 323 -21.14 -16.53 6.21
N MET D 324 -21.28 -15.21 6.20
CA MET D 324 -21.54 -14.51 4.95
C MET D 324 -20.30 -14.42 4.08
N ALA D 325 -19.12 -14.19 4.66
CA ALA D 325 -17.96 -13.85 3.86
C ALA D 325 -16.69 -14.40 4.47
N VAL D 326 -15.66 -14.50 3.64
CA VAL D 326 -14.33 -14.94 4.04
C VAL D 326 -13.34 -13.84 3.74
N ALA D 327 -12.55 -13.44 4.72
CA ALA D 327 -11.55 -12.39 4.53
C ALA D 327 -10.16 -13.02 4.52
N THR D 328 -9.37 -12.63 3.54
CA THR D 328 -8.05 -13.21 3.28
C THR D 328 -7.03 -12.09 3.31
N GLY D 329 -6.02 -12.22 4.16
CA GLY D 329 -4.91 -11.30 4.20
C GLY D 329 -3.60 -11.99 3.90
N SER D 330 -2.69 -11.25 3.28
CA SER D 330 -1.48 -11.82 2.71
C SER D 330 -0.36 -10.78 2.78
N TRP D 331 0.81 -11.16 2.26
CA TRP D 331 2.01 -10.33 2.31
C TRP D 331 2.10 -9.33 1.16
N ASP D 332 1.04 -9.17 0.36
CA ASP D 332 1.01 -8.14 -0.65
C ASP D 332 0.37 -6.85 -0.16
N SER D 333 0.12 -6.76 1.15
CA SER D 333 -0.50 -5.61 1.84
C SER D 333 -1.93 -5.37 1.36
N PHE D 334 -2.70 -6.43 1.19
CA PHE D 334 -4.11 -6.28 0.84
C PHE D 334 -4.96 -7.26 1.63
N LEU D 335 -6.20 -6.87 1.86
CA LEU D 335 -7.23 -7.69 2.47
C LEU D 335 -8.37 -7.84 1.48
N LYS D 336 -8.76 -9.07 1.19
CA LYS D 336 -9.84 -9.32 0.24
C LYS D 336 -10.99 -10.05 0.90
N ILE D 337 -12.21 -9.59 0.63
CA ILE D 337 -13.42 -10.19 1.15
C ILE D 337 -14.08 -10.98 0.03
N TRP D 338 -14.42 -12.23 0.31
CA TRP D 338 -14.92 -13.20 -0.65
C TRP D 338 -16.32 -13.66 -0.26
N ASN D 339 -17.14 -13.95 -1.26
CA ASN D 339 -18.50 -14.46 -1.04
C ASN D 339 -18.86 -15.54 -2.04
N THR E 6 18.55 -35.59 38.37
CA THR E 6 18.03 -34.81 39.47
C THR E 6 16.71 -34.15 39.10
N ALA E 7 16.78 -32.96 38.50
CA ALA E 7 15.58 -32.25 38.06
C ALA E 7 14.94 -32.96 36.88
N SER E 8 15.76 -33.54 35.99
CA SER E 8 15.23 -34.26 34.83
C SER E 8 14.52 -35.54 35.23
N ILE E 9 14.89 -36.12 36.37
CA ILE E 9 14.18 -37.28 36.89
C ILE E 9 12.78 -36.89 37.33
N ALA E 10 12.64 -35.75 37.99
CA ALA E 10 11.32 -35.25 38.37
C ALA E 10 10.50 -34.84 37.15
N GLN E 11 11.17 -34.30 36.11
CA GLN E 11 10.46 -33.95 34.88
C GLN E 11 9.95 -35.19 34.15
N ALA E 12 10.77 -36.26 34.11
CA ALA E 12 10.31 -37.51 33.53
C ALA E 12 9.21 -38.16 34.38
N ARG E 13 9.25 -37.96 35.70
CA ARG E 13 8.17 -38.46 36.55
C ARG E 13 6.86 -37.72 36.29
N LYS E 14 6.94 -36.40 36.08
CA LYS E 14 5.75 -35.63 35.70
C LYS E 14 5.25 -36.01 34.32
N LEU E 15 6.15 -36.36 33.39
CA LEU E 15 5.72 -36.81 32.06
C LEU E 15 5.03 -38.16 32.13
N VAL E 16 5.54 -39.08 32.95
CA VAL E 16 4.91 -40.39 33.12
C VAL E 16 3.55 -40.24 33.83
N GLU E 17 3.46 -39.32 34.80
CA GLU E 17 2.18 -39.05 35.46
C GLU E 17 1.17 -38.45 34.49
N GLN E 18 1.63 -37.57 33.59
CA GLN E 18 0.75 -36.98 32.58
C GLN E 18 0.26 -38.05 31.60
N LEU E 19 1.14 -38.95 31.18
CA LEU E 19 0.71 -40.04 30.29
C LEU E 19 -0.24 -41.00 30.99
N LYS E 20 -0.05 -41.21 32.29
CA LYS E 20 -0.97 -42.04 33.07
C LYS E 20 -2.33 -41.39 33.19
N MET E 21 -2.38 -40.07 33.36
CA MET E 21 -3.66 -39.37 33.38
C MET E 21 -4.33 -39.38 32.01
N GLU E 22 -3.53 -39.28 30.94
CA GLU E 22 -4.08 -39.27 29.60
C GLU E 22 -4.59 -40.65 29.18
N ALA E 23 -4.01 -41.72 29.73
CA ALA E 23 -4.40 -43.07 29.33
C ALA E 23 -5.80 -43.43 29.81
N ASN E 24 -6.20 -42.96 30.99
CA ASN E 24 -7.50 -43.30 31.56
C ASN E 24 -8.55 -42.29 31.11
N ILE E 25 -8.90 -42.36 29.83
CA ILE E 25 -9.96 -41.54 29.25
C ILE E 25 -10.96 -42.45 28.54
N ASP E 26 -12.24 -42.09 28.61
CA ASP E 26 -13.33 -42.86 28.02
C ASP E 26 -13.48 -42.49 26.55
N ARG E 27 -12.62 -43.07 25.72
CA ARG E 27 -12.70 -42.87 24.29
C ARG E 27 -13.79 -43.74 23.68
N ILE E 28 -14.31 -43.32 22.53
CA ILE E 28 -15.47 -43.91 21.89
C ILE E 28 -15.11 -44.33 20.47
N LYS E 29 -16.03 -45.07 19.85
CA LYS E 29 -15.85 -45.56 18.50
C LYS E 29 -15.80 -44.42 17.48
N VAL E 30 -14.96 -44.62 16.47
CA VAL E 30 -14.77 -43.63 15.40
C VAL E 30 -16.03 -43.48 14.54
N SER E 31 -16.80 -44.56 14.36
CA SER E 31 -17.99 -44.51 13.52
C SER E 31 -19.09 -43.65 14.13
N LYS E 32 -19.18 -43.60 15.46
CA LYS E 32 -20.17 -42.77 16.12
C LYS E 32 -19.87 -41.28 15.92
N ALA E 33 -18.60 -40.90 16.05
CA ALA E 33 -18.21 -39.51 15.81
C ALA E 33 -18.33 -39.14 14.35
N ALA E 34 -18.06 -40.09 13.44
CA ALA E 34 -18.26 -39.85 12.02
C ALA E 34 -19.73 -39.60 11.70
N ALA E 35 -20.63 -40.40 12.27
CA ALA E 35 -22.06 -40.18 12.12
C ALA E 35 -22.50 -38.86 12.73
N ASP E 36 -21.88 -38.46 13.85
CA ASP E 36 -22.23 -37.18 14.48
C ASP E 36 -21.81 -35.99 13.63
N LEU E 37 -20.60 -36.05 13.04
CA LEU E 37 -20.16 -34.98 12.14
C LEU E 37 -21.00 -34.94 10.86
N MET E 38 -21.41 -36.11 10.37
CA MET E 38 -22.29 -36.16 9.21
C MET E 38 -23.65 -35.54 9.53
N ALA E 39 -24.20 -35.84 10.71
CA ALA E 39 -25.48 -35.28 11.12
C ALA E 39 -25.41 -33.78 11.33
N TYR E 40 -24.30 -33.28 11.88
CA TYR E 40 -24.17 -31.85 12.07
C TYR E 40 -23.99 -31.11 10.74
N CYS E 41 -23.27 -31.71 9.80
CA CYS E 41 -23.11 -31.07 8.49
C CYS E 41 -24.40 -31.10 7.69
N GLU E 42 -25.18 -32.18 7.78
CA GLU E 42 -26.43 -32.25 7.04
C GLU E 42 -27.51 -31.38 7.67
N ALA E 43 -27.52 -31.28 9.00
CA ALA E 43 -28.59 -30.55 9.69
C ALA E 43 -28.51 -29.05 9.47
N HIS E 44 -27.31 -28.49 9.33
CA HIS E 44 -27.12 -27.05 9.25
C HIS E 44 -26.75 -26.58 7.84
N ALA E 45 -27.05 -27.39 6.82
CA ALA E 45 -26.73 -27.01 5.44
C ALA E 45 -27.52 -25.80 4.98
N LYS E 46 -28.73 -25.60 5.52
CA LYS E 46 -29.56 -24.47 5.13
C LYS E 46 -29.03 -23.15 5.69
N GLU E 47 -28.22 -23.20 6.74
CA GLU E 47 -27.72 -22.01 7.40
C GLU E 47 -26.28 -21.68 7.01
N ASP E 48 -25.80 -22.23 5.88
CA ASP E 48 -24.43 -22.01 5.44
C ASP E 48 -24.44 -21.16 4.17
N PRO E 49 -24.14 -19.86 4.25
CA PRO E 49 -24.11 -19.03 3.04
C PRO E 49 -22.93 -19.31 2.13
N LEU E 50 -21.87 -19.94 2.63
CA LEU E 50 -20.71 -20.23 1.79
C LEU E 50 -20.91 -21.48 0.96
N LEU E 51 -21.83 -22.35 1.35
CA LEU E 51 -22.14 -23.58 0.62
C LEU E 51 -23.37 -23.44 -0.25
N THR E 52 -24.44 -22.88 0.30
CA THR E 52 -25.63 -22.53 -0.47
C THR E 52 -25.53 -21.09 -0.94
N PRO E 53 -25.69 -20.81 -2.23
CA PRO E 53 -25.57 -19.44 -2.73
C PRO E 53 -26.72 -18.55 -2.25
N VAL E 54 -26.39 -17.28 -2.05
CA VAL E 54 -27.30 -16.30 -1.46
C VAL E 54 -27.70 -15.31 -2.55
N PRO E 55 -28.99 -14.98 -2.68
CA PRO E 55 -29.41 -13.93 -3.62
C PRO E 55 -28.83 -12.56 -3.26
N ALA E 56 -28.72 -11.71 -4.28
CA ALA E 56 -28.10 -10.39 -4.11
C ALA E 56 -28.89 -9.48 -3.19
N SER E 57 -30.21 -9.68 -3.08
CA SER E 57 -31.02 -8.89 -2.17
C SER E 57 -30.74 -9.21 -0.70
N GLU E 58 -30.22 -10.41 -0.41
CA GLU E 58 -29.90 -10.81 0.95
C GLU E 58 -28.42 -10.66 1.28
N ASN E 59 -27.57 -10.51 0.27
CA ASN E 59 -26.13 -10.47 0.47
C ASN E 59 -25.68 -9.03 0.69
N PRO E 60 -25.16 -8.67 1.86
CA PRO E 60 -24.79 -7.27 2.11
C PRO E 60 -23.53 -6.83 1.38
N PHE E 61 -22.74 -7.76 0.84
CA PHE E 61 -21.56 -7.42 0.06
C PHE E 61 -21.96 -7.39 -1.42
N ARG E 62 -21.99 -6.20 -2.00
CA ARG E 62 -22.30 -6.03 -3.41
C ARG E 62 -21.26 -5.11 -4.05
N GLU E 63 -21.20 -5.16 -5.38
CA GLU E 63 -20.26 -4.35 -6.14
C GLU E 63 -20.62 -2.86 -6.09
N VAL F 2 -13.46 15.94 30.55
CA VAL F 2 -14.14 16.51 29.41
C VAL F 2 -14.76 17.83 29.82
N GLN F 3 -14.35 18.93 29.19
CA GLN F 3 -14.83 20.24 29.57
C GLN F 3 -14.83 21.17 28.37
N LEU F 4 -15.89 21.97 28.25
CA LEU F 4 -16.00 23.01 27.25
C LEU F 4 -16.39 24.31 27.94
N VAL F 5 -15.56 25.35 27.79
CA VAL F 5 -15.78 26.64 28.44
C VAL F 5 -15.98 27.69 27.36
N GLU F 6 -17.21 28.17 27.21
CA GLU F 6 -17.50 29.28 26.31
C GLU F 6 -17.31 30.60 27.03
N SER F 7 -16.68 31.55 26.36
CA SER F 7 -16.45 32.89 26.88
C SER F 7 -17.14 33.91 25.98
N GLY F 8 -16.91 35.19 26.29
CA GLY F 8 -17.54 36.27 25.56
C GLY F 8 -18.97 36.51 26.00
N GLY F 9 -19.86 36.76 25.06
CA GLY F 9 -21.24 37.10 25.40
C GLY F 9 -21.38 38.57 25.74
N GLY F 10 -22.45 38.87 26.48
CA GLY F 10 -22.70 40.21 26.96
C GLY F 10 -23.69 40.97 26.09
N LEU F 11 -23.69 42.30 26.28
CA LEU F 11 -24.64 43.19 25.64
C LEU F 11 -24.00 43.84 24.42
N VAL F 12 -24.60 43.61 23.25
CA VAL F 12 -24.09 44.13 21.98
C VAL F 12 -25.19 44.97 21.32
N GLN F 13 -24.81 46.17 20.88
CA GLN F 13 -25.71 46.99 20.09
C GLN F 13 -25.96 46.33 18.73
N PRO F 14 -27.16 46.51 18.15
CA PRO F 14 -27.46 45.84 16.88
C PRO F 14 -26.62 46.37 15.73
N GLY F 15 -26.18 45.45 14.87
CA GLY F 15 -25.23 45.74 13.82
C GLY F 15 -23.79 45.55 14.21
N GLY F 16 -23.50 45.30 15.49
CA GLY F 16 -22.15 45.10 15.95
C GLY F 16 -21.62 43.71 15.67
N SER F 17 -20.30 43.57 15.84
CA SER F 17 -19.60 42.31 15.64
C SER F 17 -19.10 41.79 17.00
N ARG F 18 -19.41 40.53 17.30
CA ARG F 18 -19.01 39.90 18.55
C ARG F 18 -18.39 38.54 18.26
N LYS F 19 -17.35 38.18 19.02
CA LYS F 19 -16.62 36.95 18.80
C LYS F 19 -16.77 36.04 20.01
N LEU F 20 -17.16 34.79 19.76
CA LEU F 20 -17.31 33.78 20.80
C LEU F 20 -16.15 32.81 20.74
N SER F 21 -15.53 32.55 21.89
CA SER F 21 -14.42 31.62 21.97
C SER F 21 -14.76 30.50 22.93
N CYS F 22 -14.58 29.25 22.49
CA CYS F 22 -14.80 28.08 23.30
C CYS F 22 -13.49 27.34 23.47
N SER F 23 -13.16 27.02 24.72
CA SER F 23 -11.93 26.32 25.07
C SER F 23 -12.27 24.88 25.42
N ALA F 24 -11.63 23.94 24.72
CA ALA F 24 -11.85 22.51 24.91
C ALA F 24 -10.73 21.93 25.76
N SER F 25 -11.10 21.19 26.80
CA SER F 25 -10.13 20.58 27.68
C SER F 25 -10.51 19.13 27.96
N GLY F 26 -9.49 18.30 28.15
CA GLY F 26 -9.69 16.92 28.56
C GLY F 26 -10.04 15.93 27.48
N PHE F 27 -9.95 16.29 26.21
CA PHE F 27 -10.18 15.34 25.13
C PHE F 27 -9.40 15.76 23.89
N ALA F 28 -9.34 14.86 22.92
CA ALA F 28 -8.61 15.08 21.67
C ALA F 28 -9.50 15.89 20.75
N PHE F 29 -9.34 17.22 20.84
CA PHE F 29 -10.17 18.18 20.10
C PHE F 29 -10.09 18.00 18.58
N SER F 30 -8.94 17.60 18.06
CA SER F 30 -8.75 17.53 16.61
C SER F 30 -9.57 16.42 15.95
N SER F 31 -10.02 15.42 16.70
CA SER F 31 -10.74 14.29 16.11
C SER F 31 -12.25 14.52 16.05
N PHE F 32 -12.78 15.50 16.78
CA PHE F 32 -14.22 15.69 16.89
C PHE F 32 -14.70 16.80 15.98
N GLY F 33 -15.86 16.59 15.36
CA GLY F 33 -16.58 17.68 14.76
C GLY F 33 -17.30 18.52 15.80
N MET F 34 -17.58 19.76 15.44
CA MET F 34 -18.14 20.71 16.40
C MET F 34 -19.35 21.44 15.84
N HIS F 35 -20.28 21.77 16.75
CA HIS F 35 -21.52 22.44 16.41
C HIS F 35 -21.74 23.62 17.35
N TRP F 36 -22.54 24.58 16.89
CA TRP F 36 -23.04 25.68 17.71
C TRP F 36 -24.56 25.58 17.72
N VAL F 37 -25.15 25.61 18.91
CA VAL F 37 -26.60 25.53 19.07
C VAL F 37 -27.04 26.73 19.90
N ARG F 38 -28.15 27.35 19.53
CA ARG F 38 -28.65 28.51 20.25
C ARG F 38 -30.03 28.24 20.81
N GLN F 39 -30.22 28.69 22.06
CA GLN F 39 -31.49 28.58 22.75
C GLN F 39 -31.98 29.97 23.14
N ALA F 40 -33.20 30.29 22.76
CA ALA F 40 -33.83 31.55 23.13
C ALA F 40 -34.27 31.46 24.59
N PRO F 41 -34.68 32.58 25.24
CA PRO F 41 -35.13 32.47 26.65
C PRO F 41 -36.34 31.56 26.87
N GLU F 42 -37.31 31.56 25.97
CA GLU F 42 -38.45 30.67 26.11
C GLU F 42 -38.60 29.67 24.96
N LYS F 43 -37.97 29.92 23.81
CA LYS F 43 -38.13 29.05 22.66
C LYS F 43 -37.18 27.85 22.72
N GLY F 44 -37.38 26.94 21.76
CA GLY F 44 -36.59 25.73 21.65
C GLY F 44 -35.22 25.93 21.01
N LEU F 45 -34.44 24.86 21.05
CA LEU F 45 -33.08 24.85 20.51
C LEU F 45 -33.07 25.06 18.99
N GLU F 46 -32.08 25.82 18.52
CA GLU F 46 -31.89 26.08 17.10
C GLU F 46 -30.45 25.78 16.73
N TRP F 47 -30.27 25.13 15.59
CA TRP F 47 -28.93 24.81 15.09
C TRP F 47 -28.33 26.02 14.38
N VAL F 48 -27.02 26.21 14.53
CA VAL F 48 -26.36 27.37 13.95
C VAL F 48 -25.32 26.94 12.92
N ALA F 49 -24.30 26.20 13.34
CA ALA F 49 -23.15 25.96 12.47
C ALA F 49 -22.45 24.67 12.86
N TYR F 50 -21.75 24.09 11.88
CA TYR F 50 -20.97 22.88 12.02
C TYR F 50 -19.64 23.00 11.31
N ILE F 51 -18.57 22.57 11.97
CA ILE F 51 -17.25 22.44 11.37
C ILE F 51 -16.73 21.02 11.59
N SER F 52 -16.11 20.46 10.56
CA SER F 52 -15.59 19.10 10.62
C SER F 52 -14.31 19.04 11.45
N SER F 53 -13.85 17.80 11.67
CA SER F 53 -12.64 17.58 12.47
C SER F 53 -11.39 18.05 11.72
N GLY F 54 -11.32 17.80 10.43
CA GLY F 54 -10.22 18.25 9.62
C GLY F 54 -10.41 19.61 8.99
N SER F 55 -11.47 20.33 9.38
CA SER F 55 -11.88 21.63 8.83
C SER F 55 -12.13 21.56 7.32
N GLY F 56 -12.60 20.41 6.85
CA GLY F 56 -12.82 20.19 5.44
C GLY F 56 -14.19 20.60 4.94
N THR F 57 -15.20 20.44 5.78
CA THR F 57 -16.56 20.84 5.42
C THR F 57 -17.17 21.67 6.53
N ILE F 58 -17.89 22.71 6.12
CA ILE F 58 -18.51 23.68 7.01
C ILE F 58 -19.96 23.87 6.57
N TYR F 59 -20.90 23.80 7.52
CA TYR F 59 -22.31 24.01 7.23
C TYR F 59 -22.87 25.11 8.14
N TYR F 60 -23.77 25.91 7.60
CA TYR F 60 -24.45 26.95 8.36
C TYR F 60 -25.96 26.79 8.23
N ALA F 61 -26.69 27.25 9.23
CA ALA F 61 -28.13 27.36 9.12
C ALA F 61 -28.49 28.48 8.16
N ASP F 62 -29.69 28.37 7.57
CA ASP F 62 -30.14 29.31 6.55
C ASP F 62 -30.24 30.74 7.08
N THR F 63 -30.64 30.90 8.34
CA THR F 63 -30.77 32.24 8.92
C THR F 63 -29.41 32.87 9.18
N VAL F 64 -28.39 32.07 9.49
CA VAL F 64 -27.09 32.60 9.89
C VAL F 64 -26.08 32.63 8.75
N LYS F 65 -26.50 32.31 7.52
CA LYS F 65 -25.58 32.38 6.40
C LYS F 65 -25.24 33.83 6.06
N GLY F 66 -23.96 34.08 5.78
CA GLY F 66 -23.49 35.39 5.46
C GLY F 66 -23.23 36.31 6.63
N ARG F 67 -23.52 35.88 7.85
CA ARG F 67 -23.26 36.67 9.04
C ARG F 67 -22.30 36.03 10.02
N PHE F 68 -22.29 34.71 10.13
CA PHE F 68 -21.51 34.01 11.15
C PHE F 68 -20.39 33.24 10.46
N THR F 69 -19.18 33.35 10.99
CA THR F 69 -18.01 32.65 10.48
C THR F 69 -17.41 31.77 11.57
N ILE F 70 -17.32 30.47 11.32
CA ILE F 70 -16.79 29.52 12.29
C ILE F 70 -15.32 29.24 11.96
N SER F 71 -14.51 29.12 13.00
CA SER F 71 -13.08 28.87 12.88
C SER F 71 -12.64 27.88 13.94
N ARG F 72 -11.70 27.01 13.57
CA ARG F 72 -11.24 25.91 14.41
C ARG F 72 -9.74 26.02 14.61
N ASP F 73 -9.30 26.33 15.83
CA ASP F 73 -7.88 26.44 16.14
C ASP F 73 -7.49 25.19 16.93
N ASP F 74 -6.96 24.19 16.22
CA ASP F 74 -6.57 22.90 16.79
C ASP F 74 -5.36 22.92 17.73
N PRO F 75 -4.24 23.62 17.46
CA PRO F 75 -3.14 23.59 18.46
C PRO F 75 -3.42 24.34 19.75
N LYS F 76 -4.43 25.21 19.78
CA LYS F 76 -4.85 25.85 21.01
C LYS F 76 -6.13 25.26 21.57
N ASN F 77 -6.73 24.31 20.84
CA ASN F 77 -7.97 23.61 21.22
C ASN F 77 -9.13 24.58 21.46
N THR F 78 -9.41 25.43 20.47
CA THR F 78 -10.45 26.44 20.62
C THR F 78 -11.32 26.50 19.38
N LEU F 79 -12.56 26.96 19.59
CA LEU F 79 -13.50 27.29 18.52
C LEU F 79 -13.83 28.77 18.58
N PHE F 80 -13.84 29.42 17.44
CA PHE F 80 -14.20 30.83 17.35
C PHE F 80 -15.42 30.97 16.45
N LEU F 81 -16.41 31.73 16.90
CA LEU F 81 -17.55 32.08 16.06
C LEU F 81 -17.62 33.60 15.98
N GLN F 82 -17.39 34.14 14.79
CA GLN F 82 -17.39 35.58 14.54
C GLN F 82 -18.76 36.00 14.02
N MET F 83 -19.36 36.97 14.68
CA MET F 83 -20.72 37.41 14.40
C MET F 83 -20.72 38.84 13.93
N THR F 84 -21.37 39.10 12.79
CA THR F 84 -21.57 40.45 12.29
C THR F 84 -23.03 40.60 11.86
N SER F 85 -23.45 41.87 11.79
CA SER F 85 -24.82 42.26 11.44
C SER F 85 -25.84 41.66 12.40
N LEU F 86 -25.54 41.72 13.70
CA LEU F 86 -26.40 41.16 14.72
C LEU F 86 -27.74 41.88 14.80
N ARG F 87 -28.77 41.13 15.19
CA ARG F 87 -30.14 41.62 15.26
C ARG F 87 -30.82 41.02 16.48
N SER F 88 -32.10 41.37 16.67
CA SER F 88 -32.85 41.00 17.87
C SER F 88 -33.01 39.49 18.03
N GLU F 89 -33.18 38.77 16.92
CA GLU F 89 -33.36 37.31 17.00
C GLU F 89 -32.10 36.61 17.50
N ASP F 90 -30.92 37.19 17.26
CA ASP F 90 -29.66 36.59 17.67
C ASP F 90 -29.48 36.50 19.19
N THR F 91 -30.26 37.25 19.97
CA THR F 91 -30.20 37.20 21.43
C THR F 91 -30.55 35.81 21.93
N ALA F 92 -29.60 35.14 22.58
CA ALA F 92 -29.78 33.74 22.94
C ALA F 92 -28.64 33.27 23.85
N MET F 93 -28.74 31.98 24.21
CA MET F 93 -27.71 31.23 24.89
C MET F 93 -27.02 30.36 23.84
N TYR F 94 -25.69 30.35 23.86
CA TYR F 94 -24.87 29.72 22.83
C TYR F 94 -24.10 28.55 23.43
N TYR F 95 -24.38 27.35 22.91
CA TYR F 95 -23.79 26.10 23.38
C TYR F 95 -22.85 25.56 22.30
N CYS F 96 -21.66 25.14 22.73
CA CYS F 96 -20.77 24.34 21.89
C CYS F 96 -21.07 22.86 22.08
N VAL F 97 -21.18 22.13 20.98
CA VAL F 97 -21.55 20.72 21.01
C VAL F 97 -20.45 19.90 20.35
N ARG F 98 -19.99 18.86 21.03
CA ARG F 98 -19.00 17.92 20.53
C ARG F 98 -19.71 16.81 19.76
N SER F 99 -19.08 16.32 18.70
CA SER F 99 -19.65 15.21 17.95
C SER F 99 -18.54 14.36 17.35
N ILE F 100 -18.83 13.07 17.19
CA ILE F 100 -17.89 12.11 16.60
C ILE F 100 -18.66 11.21 15.63
N TYR F 101 -18.04 10.95 14.48
CA TYR F 101 -18.72 10.32 13.34
C TYR F 101 -17.93 9.11 12.84
N TYR F 102 -18.40 7.91 13.19
CA TYR F 102 -17.96 6.65 12.61
C TYR F 102 -19.02 5.61 12.93
N TYR F 103 -18.80 4.39 12.45
CA TYR F 103 -19.77 3.32 12.68
C TYR F 103 -19.76 2.90 14.14
N GLY F 104 -20.91 3.08 14.81
CA GLY F 104 -21.04 2.75 16.21
C GLY F 104 -20.81 3.90 17.17
N SER F 105 -20.51 5.09 16.67
CA SER F 105 -20.22 6.22 17.54
C SER F 105 -21.51 6.83 18.07
N SER F 106 -21.35 7.79 18.98
CA SER F 106 -22.47 8.52 19.56
C SER F 106 -22.13 10.01 19.54
N PRO F 107 -22.58 10.75 18.53
CA PRO F 107 -22.38 12.19 18.52
C PRO F 107 -23.32 12.90 19.48
N PHE F 108 -23.08 14.21 19.63
CA PHE F 108 -23.84 15.13 20.50
C PHE F 108 -23.73 14.71 21.96
N ASP F 109 -22.64 14.03 22.30
CA ASP F 109 -22.50 13.43 23.61
C ASP F 109 -22.26 14.47 24.70
N PHE F 110 -21.41 15.47 24.43
CA PHE F 110 -21.07 16.45 25.46
C PHE F 110 -21.48 17.84 25.00
N TRP F 111 -22.00 18.61 25.94
CA TRP F 111 -22.53 19.95 25.70
C TRP F 111 -21.83 20.91 26.64
N GLY F 112 -21.64 22.14 26.19
CA GLY F 112 -20.99 23.15 26.98
C GLY F 112 -21.97 23.88 27.87
N GLN F 113 -21.47 24.91 28.56
CA GLN F 113 -22.30 25.68 29.45
C GLN F 113 -22.99 26.85 28.75
N GLY F 114 -22.41 27.36 27.68
CA GLY F 114 -23.06 28.38 26.87
C GLY F 114 -22.91 29.79 27.40
N THR F 115 -22.90 30.76 26.50
CA THR F 115 -22.84 32.17 26.88
C THR F 115 -24.13 32.89 26.51
N THR F 116 -24.44 33.94 27.25
CA THR F 116 -25.64 34.75 27.05
C THR F 116 -25.28 35.98 26.22
N LEU F 117 -25.76 36.05 24.99
CA LEU F 117 -25.59 37.22 24.15
C LEU F 117 -26.93 37.94 24.06
N THR F 118 -26.93 39.22 24.45
CA THR F 118 -28.12 40.05 24.46
C THR F 118 -27.94 41.20 23.49
N VAL F 119 -28.88 41.35 22.56
CA VAL F 119 -28.88 42.42 21.58
C VAL F 119 -30.06 43.33 21.90
N SER F 120 -29.80 44.63 21.96
CA SER F 120 -30.81 45.61 22.35
C SER F 120 -31.61 46.04 21.13
N ASP F 137 -36.87 21.83 4.58
CA ASP F 137 -36.41 21.38 5.89
C ASP F 137 -37.40 20.40 6.52
N ILE F 138 -36.85 19.35 7.15
CA ILE F 138 -37.70 18.38 7.85
C ILE F 138 -38.22 19.03 9.12
N VAL F 139 -39.54 18.96 9.32
CA VAL F 139 -40.20 19.60 10.45
C VAL F 139 -40.56 18.52 11.45
N MET F 140 -40.09 18.67 12.68
CA MET F 140 -40.33 17.69 13.73
C MET F 140 -41.48 18.19 14.59
N THR F 141 -42.53 17.38 14.70
CA THR F 141 -43.72 17.74 15.45
C THR F 141 -43.68 17.06 16.81
N GLN F 142 -43.83 17.86 17.87
CA GLN F 142 -43.73 17.37 19.24
C GLN F 142 -44.81 18.12 20.02
N ALA F 143 -45.98 17.49 20.14
CA ALA F 143 -47.21 18.22 20.47
C ALA F 143 -47.34 18.49 21.96
N THR F 144 -47.40 17.44 22.77
CA THR F 144 -47.86 17.53 24.16
C THR F 144 -46.81 18.24 25.02
N SER F 145 -46.96 19.55 25.16
CA SER F 145 -45.96 20.36 25.87
C SER F 145 -45.91 20.04 27.36
N SER F 146 -47.07 19.89 28.00
CA SER F 146 -47.14 19.66 29.44
C SER F 146 -47.70 18.26 29.70
N VAL F 147 -47.02 17.52 30.57
CA VAL F 147 -47.42 16.16 30.91
C VAL F 147 -47.57 16.05 32.43
N PRO F 148 -48.80 16.04 32.97
CA PRO F 148 -49.04 15.91 34.43
C PRO F 148 -49.22 14.49 34.98
N VAL F 149 -48.10 13.76 35.12
CA VAL F 149 -48.12 12.38 35.59
C VAL F 149 -47.41 12.31 36.93
N THR F 150 -48.03 11.61 37.89
CA THR F 150 -47.44 11.36 39.19
C THR F 150 -46.15 10.53 39.03
N PRO F 151 -45.09 10.85 39.78
CA PRO F 151 -43.86 10.04 39.71
C PRO F 151 -44.07 8.60 40.13
N GLY F 152 -43.29 7.72 39.50
CA GLY F 152 -43.43 6.28 39.67
C GLY F 152 -44.22 5.60 38.58
N GLU F 153 -44.68 6.34 37.58
CA GLU F 153 -45.44 5.80 36.46
C GLU F 153 -44.69 6.09 35.16
N SER F 154 -44.71 5.13 34.24
CA SER F 154 -44.04 5.29 32.96
C SER F 154 -44.78 6.32 32.10
N VAL F 155 -44.01 7.09 31.34
CA VAL F 155 -44.53 8.15 30.48
C VAL F 155 -44.02 7.95 29.06
N SER F 156 -44.92 8.21 28.10
CA SER F 156 -44.58 8.19 26.69
C SER F 156 -44.48 9.61 26.16
N ILE F 157 -43.52 9.84 25.26
CA ILE F 157 -43.33 11.12 24.60
C ILE F 157 -43.29 10.87 23.10
N SER F 158 -44.16 11.54 22.36
CA SER F 158 -44.33 11.31 20.93
C SER F 158 -43.68 12.42 20.13
N CYS F 159 -42.93 12.04 19.09
CA CYS F 159 -42.30 12.97 18.18
C CYS F 159 -42.64 12.57 16.75
N ARG F 160 -43.48 13.34 16.09
CA ARG F 160 -43.83 13.07 14.70
C ARG F 160 -42.87 13.79 13.76
N SER F 161 -42.41 13.08 12.74
CA SER F 161 -41.54 13.63 11.71
C SER F 161 -42.32 13.94 10.44
N SER F 162 -41.84 14.93 9.68
CA SER F 162 -42.49 15.32 8.44
C SER F 162 -42.20 14.37 7.29
N LYS F 163 -41.16 13.57 7.38
CA LYS F 163 -40.87 12.55 6.38
C LYS F 163 -40.17 11.39 7.06
N SER F 164 -40.11 10.26 6.34
CA SER F 164 -39.50 9.05 6.88
C SER F 164 -38.00 9.25 7.09
N LEU F 165 -37.52 8.85 8.26
CA LEU F 165 -36.11 8.96 8.61
C LEU F 165 -35.39 7.62 8.49
N LEU F 166 -36.04 6.62 7.91
CA LEU F 166 -35.42 5.33 7.69
C LEU F 166 -34.62 5.39 6.40
N HIS F 167 -33.29 5.33 6.53
CA HIS F 167 -32.42 5.43 5.37
C HIS F 167 -32.28 4.03 4.74
N SER F 168 -31.63 3.97 3.58
CA SER F 168 -31.47 2.72 2.84
C SER F 168 -30.55 1.73 3.56
N ASN F 169 -29.71 2.19 4.48
CA ASN F 169 -28.81 1.34 5.22
C ASN F 169 -29.41 0.82 6.53
N GLY F 170 -30.70 1.06 6.76
CA GLY F 170 -31.39 0.53 7.92
C GLY F 170 -31.25 1.36 9.19
N ASN F 171 -30.51 2.46 9.16
CA ASN F 171 -30.36 3.32 10.32
C ASN F 171 -31.39 4.45 10.27
N THR F 172 -32.06 4.68 11.39
CA THR F 172 -33.02 5.77 11.50
C THR F 172 -32.42 6.83 12.43
N TYR F 173 -32.32 8.06 11.92
CA TYR F 173 -31.51 9.12 12.53
C TYR F 173 -32.37 9.97 13.46
N LEU F 174 -32.54 9.48 14.68
CA LEU F 174 -33.34 10.13 15.70
C LEU F 174 -32.54 10.30 17.00
N TYR F 175 -32.65 11.47 17.62
CA TYR F 175 -31.91 11.78 18.84
C TYR F 175 -32.85 12.34 19.90
N TRP F 176 -32.71 11.86 21.13
CA TRP F 176 -33.48 12.32 22.27
C TRP F 176 -32.56 12.94 23.30
N PHE F 177 -32.85 14.21 23.67
CA PHE F 177 -32.07 15.01 24.60
C PHE F 177 -32.91 15.35 25.82
N LEU F 178 -32.25 15.52 26.96
CA LEU F 178 -32.87 16.05 28.19
C LEU F 178 -32.17 17.32 28.61
N GLN F 179 -32.93 18.40 28.78
CA GLN F 179 -32.43 19.64 29.37
C GLN F 179 -33.17 19.86 30.68
N ARG F 180 -32.55 19.47 31.78
CA ARG F 180 -33.13 19.79 33.07
C ARG F 180 -32.87 21.26 33.39
N PRO F 181 -33.74 21.90 34.18
CA PRO F 181 -33.59 23.34 34.45
C PRO F 181 -32.29 23.70 35.15
N GLY F 182 -31.59 24.69 34.57
CA GLY F 182 -30.32 25.14 35.10
C GLY F 182 -29.09 24.43 34.56
N GLN F 183 -29.25 23.47 33.65
CA GLN F 183 -28.12 22.73 33.10
C GLN F 183 -28.21 22.65 31.58
N SER F 184 -27.13 22.16 30.99
CA SER F 184 -27.03 21.94 29.56
C SER F 184 -27.88 20.75 29.11
N PRO F 185 -28.28 20.72 27.84
CA PRO F 185 -28.94 19.52 27.29
C PRO F 185 -28.05 18.29 27.31
N GLN F 186 -28.53 17.23 27.94
CA GLN F 186 -27.82 15.97 28.03
C GLN F 186 -28.39 14.99 27.02
N LEU F 187 -27.52 14.32 26.28
CA LEU F 187 -27.97 13.28 25.35
C LEU F 187 -28.51 12.07 26.10
N LEU F 188 -29.66 11.56 25.65
CA LEU F 188 -30.23 10.34 26.21
C LEU F 188 -30.23 9.19 25.21
N ILE F 189 -30.86 9.37 24.05
CA ILE F 189 -31.05 8.27 23.11
C ILE F 189 -30.48 8.69 21.75
N TYR F 190 -29.67 7.82 21.15
CA TYR F 190 -29.16 8.06 19.80
C TYR F 190 -29.51 6.91 18.89
N ARG F 191 -30.17 7.22 17.77
CA ARG F 191 -30.60 6.33 16.69
C ARG F 191 -31.70 5.35 17.11
N MET F 192 -32.35 5.59 18.26
CA MET F 192 -33.55 4.99 18.85
C MET F 192 -33.39 3.55 19.31
N SER F 193 -32.27 2.90 19.04
CA SER F 193 -32.03 1.54 19.51
C SER F 193 -30.84 1.48 20.44
N ASN F 194 -30.26 2.62 20.79
CA ASN F 194 -29.07 2.67 21.61
C ASN F 194 -29.29 3.58 22.81
N LEU F 195 -28.59 3.28 23.88
CA LEU F 195 -28.64 4.06 25.12
C LEU F 195 -27.30 4.75 25.30
N ALA F 196 -27.33 6.04 25.63
CA ALA F 196 -26.11 6.79 25.85
C ALA F 196 -25.38 6.32 27.09
N SER F 197 -24.05 6.41 27.05
CA SER F 197 -23.23 6.01 28.18
C SER F 197 -23.45 6.93 29.37
N GLY F 198 -23.56 6.35 30.56
CA GLY F 198 -23.85 7.11 31.75
C GLY F 198 -25.31 7.39 32.00
N VAL F 199 -26.19 6.83 31.19
CA VAL F 199 -27.63 7.01 31.31
C VAL F 199 -28.23 5.71 31.81
N PRO F 200 -29.09 5.73 32.83
CA PRO F 200 -29.71 4.50 33.32
C PRO F 200 -30.67 3.89 32.32
N ASP F 201 -30.87 2.57 32.47
CA ASP F 201 -31.66 1.73 31.57
C ASP F 201 -33.17 2.01 31.62
N ARG F 202 -33.62 2.92 32.49
CA ARG F 202 -35.04 3.27 32.55
C ARG F 202 -35.52 3.88 31.25
N PHE F 203 -34.71 4.74 30.65
CA PHE F 203 -35.03 5.34 29.37
C PHE F 203 -34.96 4.32 28.25
N SER F 204 -35.89 4.42 27.29
CA SER F 204 -35.89 3.56 26.12
C SER F 204 -36.65 4.27 25.01
N GLY F 205 -36.60 3.70 23.82
CA GLY F 205 -37.30 4.34 22.72
C GLY F 205 -37.53 3.38 21.56
N SER F 206 -38.42 3.80 20.68
CA SER F 206 -38.83 3.01 19.53
C SER F 206 -39.44 3.94 18.49
N GLY F 207 -39.80 3.37 17.36
CA GLY F 207 -40.43 4.16 16.32
C GLY F 207 -40.68 3.33 15.08
N SER F 208 -41.47 3.89 14.18
CA SER F 208 -41.81 3.23 12.93
C SER F 208 -41.16 3.86 11.70
N GLY F 209 -40.47 4.99 11.87
CA GLY F 209 -39.86 5.72 10.76
C GLY F 209 -40.42 7.12 10.57
N THR F 210 -41.66 7.34 10.99
CA THR F 210 -42.25 8.68 11.01
C THR F 210 -42.78 9.07 12.38
N ALA F 211 -43.37 8.12 13.11
CA ALA F 211 -43.83 8.34 14.47
C ALA F 211 -42.84 7.71 15.42
N PHE F 212 -42.49 8.42 16.49
CA PHE F 212 -41.43 8.01 17.38
C PHE F 212 -41.89 8.11 18.83
N THR F 213 -41.41 7.20 19.66
CA THR F 213 -41.85 7.08 21.04
C THR F 213 -40.65 6.99 21.97
N LEU F 214 -40.60 7.89 22.96
CA LEU F 214 -39.66 7.81 24.07
C LEU F 214 -40.41 7.30 25.29
N THR F 215 -39.97 6.17 25.85
CA THR F 215 -40.62 5.55 26.98
C THR F 215 -39.73 5.68 28.20
N ILE F 216 -40.25 6.27 29.27
CA ILE F 216 -39.49 6.51 30.49
C ILE F 216 -40.23 5.81 31.61
N SER F 217 -39.57 4.85 32.25
CA SER F 217 -40.15 4.10 33.35
C SER F 217 -39.51 4.51 34.66
N ARG F 218 -40.29 4.43 35.74
CA ARG F 218 -39.85 4.68 37.12
C ARG F 218 -39.28 6.10 37.28
N LEU F 219 -40.18 7.07 37.12
CA LEU F 219 -39.79 8.48 37.18
C LEU F 219 -39.24 8.87 38.55
N GLU F 220 -38.04 9.44 38.54
CA GLU F 220 -37.39 9.99 39.71
C GLU F 220 -37.39 11.50 39.63
N ALA F 221 -36.94 12.14 40.72
CA ALA F 221 -36.83 13.59 40.77
C ALA F 221 -35.78 14.15 39.81
N GLU F 222 -34.78 13.34 39.44
CA GLU F 222 -33.74 13.78 38.53
C GLU F 222 -34.25 13.93 37.10
N ASP F 223 -35.37 13.31 36.76
CA ASP F 223 -35.87 13.28 35.39
C ASP F 223 -36.76 14.46 35.05
N VAL F 224 -36.82 15.49 35.90
CA VAL F 224 -37.59 16.68 35.62
C VAL F 224 -36.82 17.54 34.63
N GLY F 225 -37.44 17.86 33.50
CA GLY F 225 -36.79 18.71 32.52
C GLY F 225 -37.59 18.75 31.24
N VAL F 226 -36.96 19.31 30.21
CA VAL F 226 -37.56 19.46 28.89
C VAL F 226 -36.86 18.49 27.94
N TYR F 227 -37.62 17.53 27.42
CA TYR F 227 -37.11 16.57 26.48
C TYR F 227 -37.17 17.14 25.05
N TYR F 228 -36.19 16.76 24.24
CA TYR F 228 -36.05 17.30 22.89
C TYR F 228 -35.82 16.19 21.89
N CYS F 229 -36.30 16.43 20.67
CA CYS F 229 -36.28 15.47 19.57
C CYS F 229 -35.50 16.08 18.41
N MET F 230 -34.53 15.33 17.88
CA MET F 230 -33.62 15.85 16.87
C MET F 230 -33.48 14.91 15.69
N GLN F 231 -33.50 15.50 14.50
CA GLN F 231 -33.35 14.83 13.22
C GLN F 231 -31.94 15.04 12.67
N HIS F 232 -31.24 13.94 12.36
CA HIS F 232 -29.90 14.04 11.80
C HIS F 232 -29.80 13.44 10.39
N LEU F 233 -30.93 13.30 9.69
CA LEU F 233 -30.89 12.66 8.37
C LEU F 233 -30.21 13.54 7.33
N GLU F 234 -30.50 14.84 7.34
CA GLU F 234 -29.95 15.77 6.35
C GLU F 234 -29.92 17.16 6.95
N TYR F 235 -29.01 17.96 6.45
CA TYR F 235 -28.81 19.31 6.93
C TYR F 235 -29.82 20.26 6.27
N PRO F 236 -30.22 21.35 6.96
CA PRO F 236 -29.95 21.78 8.34
C PRO F 236 -30.64 20.94 9.41
N LEU F 237 -29.94 20.78 10.54
CA LEU F 237 -30.45 19.99 11.65
C LEU F 237 -31.59 20.72 12.33
N THR F 238 -32.69 20.01 12.57
CA THR F 238 -33.90 20.60 13.12
C THR F 238 -34.26 19.95 14.45
N PHE F 239 -34.87 20.74 15.32
CA PHE F 239 -35.26 20.33 16.66
C PHE F 239 -36.78 20.34 16.80
N GLY F 240 -37.25 19.61 17.80
CA GLY F 240 -38.64 19.69 18.18
C GLY F 240 -38.91 20.86 19.09
N ALA F 241 -40.20 21.10 19.35
CA ALA F 241 -40.62 22.17 20.24
C ALA F 241 -40.23 21.86 21.69
N GLY F 242 -40.36 20.61 22.11
CA GLY F 242 -39.99 20.23 23.45
C GLY F 242 -41.15 19.93 24.37
N THR F 243 -41.06 18.82 25.10
CA THR F 243 -42.08 18.42 26.07
C THR F 243 -41.55 18.70 27.46
N LYS F 244 -42.37 19.31 28.30
CA LYS F 244 -42.00 19.63 29.66
C LYS F 244 -42.62 18.62 30.60
N LEU F 245 -41.82 18.10 31.53
CA LEU F 245 -42.28 17.12 32.49
C LEU F 245 -42.24 17.75 33.88
N GLU F 246 -43.38 17.74 34.57
CA GLU F 246 -43.51 18.30 35.90
C GLU F 246 -43.79 17.18 36.89
N LEU F 247 -42.99 17.12 37.95
CA LEU F 247 -43.12 16.06 38.94
C LEU F 247 -43.15 16.64 40.35
#